data_4XVP
#
_entry.id   4XVP
#
_cell.length_a   105.520
_cell.length_b   71.550
_cell.length_c   179.200
_cell.angle_alpha   90.00
_cell.angle_beta   100.72
_cell.angle_gamma   90.00
#
_symmetry.space_group_name_H-M   'C 1 2 1'
#
loop_
_entity.id
_entity.type
_entity.pdbx_description
1 polymer 'Green fluorescent protein'
2 polymer BGFP-C
#
loop_
_entity_poly.entity_id
_entity_poly.type
_entity_poly.pdbx_seq_one_letter_code
_entity_poly.pdbx_strand_id
1 'polypeptide(L)'
;MRGSHHHHHHTDPHASSAGSPVSKGEELFTGVVPILVELDGDVNGHKFSVSGEGEGDATYGKLTLKFICTTGKLPVPWPT
LVTTL(CRO)VQCFSRYPDHMKQHDFFKSAMPEGYVQERTIFFKDDGNYKTRAEVKFEGDTLVNRIELKGIDFKEDGNIL
GHKLEYNYNSHNVYIMADKQKNGIKVNFKIRHNIEDGSVQLADHYQQNTPIGDGPVLLPDNHYLSTQSALSKDPNEKRDH
MVLLEFVTAAGITLGMDELYKGSGASEQKLISEEDL
;
A,B,C
2 'polypeptide(L)'
;MRGSHHHHHHTDPEKVEMYIKNLQDDSMRVRYNAATALGKIGDERAVEPLIKALKDEDGYVRLEAAEALGEIGDERAVEP
LIKALKDEDPDVRSEAALALGKIGDERAVEPLIKALKDEDRYVRMAAAWALGKIGGERVRAAMEKLAETGTGFARKVAVN
YLETHKSLIS
;
D,E,F
#
# COMPACT_ATOMS: atom_id res chain seq x y z
N SER A 23 -11.52 -0.80 -19.95
CA SER A 23 -10.96 0.59 -20.06
C SER A 23 -9.45 0.58 -20.35
N LYS A 24 -8.99 1.58 -21.10
CA LYS A 24 -7.56 1.78 -21.51
C LYS A 24 -6.69 2.37 -20.39
N GLY A 25 -7.33 3.21 -19.56
CA GLY A 25 -6.69 3.80 -18.40
C GLY A 25 -6.22 2.74 -17.42
N GLU A 26 -7.07 1.76 -17.12
CA GLU A 26 -6.76 0.73 -16.13
C GLU A 26 -5.47 -0.05 -16.42
N GLU A 27 -5.12 -0.17 -17.70
CA GLU A 27 -3.90 -0.87 -18.10
C GLU A 27 -2.63 -0.20 -17.57
N LEU A 28 -2.70 1.10 -17.32
CA LEU A 28 -1.56 1.83 -16.83
C LEU A 28 -1.22 1.43 -15.43
N PHE A 29 -2.25 1.13 -14.66
CA PHE A 29 -2.06 0.96 -13.24
C PHE A 29 -1.83 -0.47 -12.83
N THR A 30 -1.47 -1.30 -13.80
CA THR A 30 -1.31 -2.74 -13.59
C THR A 30 -0.21 -3.13 -12.57
N GLY A 31 0.83 -2.31 -12.50
CA GLY A 31 1.89 -2.53 -11.54
C GLY A 31 1.99 -1.33 -10.64
N VAL A 32 3.19 -1.09 -10.14
CA VAL A 32 3.47 0.06 -9.27
C VAL A 32 3.80 1.30 -10.12
N VAL A 33 3.23 2.43 -9.77
CA VAL A 33 3.39 3.63 -10.52
C VAL A 33 3.84 4.76 -9.60
N PRO A 34 4.94 5.44 -9.96
CA PRO A 34 5.42 6.55 -9.16
C PRO A 34 4.51 7.77 -9.19
N ILE A 35 4.55 8.52 -8.10
CA ILE A 35 3.58 9.59 -7.84
C ILE A 35 4.21 10.91 -7.40
N LEU A 36 3.62 12.03 -7.82
CA LEU A 36 4.11 13.33 -7.45
C LEU A 36 3.00 14.35 -7.20
N VAL A 37 3.14 15.14 -6.13
CA VAL A 37 2.09 16.06 -5.68
C VAL A 37 2.66 17.42 -5.31
N GLU A 38 2.01 18.49 -5.77
CA GLU A 38 2.46 19.84 -5.49
C GLU A 38 1.26 20.69 -5.10
N LEU A 39 1.35 21.42 -3.98
CA LEU A 39 0.24 22.26 -3.48
C LEU A 39 0.66 23.67 -3.13
N ASP A 40 -0.14 24.63 -3.56
CA ASP A 40 -0.03 26.01 -3.11
C ASP A 40 -1.30 26.35 -2.35
N GLY A 41 -1.14 26.80 -1.10
CA GLY A 41 -2.28 27.09 -0.23
C GLY A 41 -2.25 28.48 0.39
N ASP A 42 -3.42 28.96 0.81
CA ASP A 42 -3.56 30.23 1.51
C ASP A 42 -4.74 30.15 2.46
N VAL A 43 -4.46 30.15 3.76
CA VAL A 43 -5.50 29.97 4.74
C VAL A 43 -5.54 31.17 5.65
N ASN A 44 -6.57 31.99 5.49
CA ASN A 44 -6.75 33.25 6.24
C ASN A 44 -5.52 34.15 6.16
N GLY A 45 -4.86 34.17 5.00
CA GLY A 45 -3.65 34.97 4.80
C GLY A 45 -2.37 34.14 4.83
N HIS A 46 -2.33 33.12 5.67
CA HIS A 46 -1.13 32.35 5.86
C HIS A 46 -0.79 31.57 4.60
N LYS A 47 0.11 32.11 3.80
CA LYS A 47 0.53 31.46 2.56
C LYS A 47 1.43 30.25 2.87
N PHE A 48 1.42 29.24 2.00
CA PHE A 48 2.32 28.07 2.13
C PHE A 48 2.26 27.12 0.92
N SER A 49 3.20 26.19 0.87
CA SER A 49 3.26 25.25 -0.23
C SER A 49 3.80 23.93 0.21
N VAL A 50 3.19 22.88 -0.34
CA VAL A 50 3.53 21.51 -0.02
C VAL A 50 3.83 20.68 -1.26
N SER A 51 4.75 19.74 -1.09
CA SER A 51 5.16 18.87 -2.17
C SER A 51 5.46 17.47 -1.66
N GLY A 52 5.09 16.47 -2.47
CA GLY A 52 5.26 15.05 -2.10
C GLY A 52 5.66 14.06 -3.22
N GLU A 53 6.29 12.96 -2.81
CA GLU A 53 6.83 11.95 -3.70
C GLU A 53 6.56 10.52 -3.19
N GLY A 54 6.13 9.63 -4.08
CA GLY A 54 5.83 8.23 -3.72
C GLY A 54 5.39 7.33 -4.88
N GLU A 55 4.77 6.22 -4.51
CA GLU A 55 4.42 5.15 -5.48
C GLU A 55 3.14 4.41 -5.08
N GLY A 56 2.36 3.98 -6.07
CA GLY A 56 1.02 3.40 -5.83
C GLY A 56 0.66 2.15 -6.64
N ASP A 57 0.23 1.10 -5.94
CA ASP A 57 -0.15 -0.17 -6.54
C ASP A 57 -1.67 -0.31 -6.48
N ALA A 58 -2.35 0.09 -7.55
CA ALA A 58 -3.82 0.02 -7.61
C ALA A 58 -4.32 -1.43 -7.55
N THR A 59 -3.43 -2.36 -7.87
CA THR A 59 -3.67 -3.76 -7.67
C THR A 59 -4.06 -4.08 -6.21
N TYR A 60 -3.55 -3.33 -5.23
CA TYR A 60 -3.97 -3.53 -3.84
C TYR A 60 -4.70 -2.30 -3.30
N GLY A 61 -4.84 -1.28 -4.13
CA GLY A 61 -5.42 -0.02 -3.72
C GLY A 61 -4.46 0.78 -2.84
N LYS A 62 -3.22 0.33 -2.77
CA LYS A 62 -2.24 0.89 -1.86
C LYS A 62 -1.66 2.20 -2.40
N LEU A 63 -1.43 3.15 -1.49
CA LEU A 63 -0.74 4.39 -1.77
C LEU A 63 0.26 4.60 -0.68
N THR A 64 1.48 4.92 -1.07
CA THR A 64 2.52 5.14 -0.09
C THR A 64 3.36 6.35 -0.53
N LEU A 65 3.36 7.40 0.28
CA LEU A 65 3.98 8.69 -0.05
C LEU A 65 4.59 9.46 1.13
N LYS A 66 5.31 10.53 0.81
CA LYS A 66 5.87 11.47 1.79
C LYS A 66 5.69 12.91 1.32
N PHE A 67 5.02 13.73 2.11
CA PHE A 67 4.76 15.12 1.74
C PHE A 67 5.41 16.04 2.74
N ILE A 68 5.96 17.11 2.22
CA ILE A 68 6.77 18.03 3.01
C ILE A 68 6.35 19.45 2.71
N CYS A 69 6.36 20.29 3.74
CA CYS A 69 6.16 21.71 3.56
C CYS A 69 7.46 22.31 3.08
N THR A 70 7.41 22.88 1.88
CA THR A 70 8.55 23.56 1.30
C THR A 70 8.78 24.90 1.99
N THR A 71 7.70 25.57 2.35
CA THR A 71 7.74 26.87 2.97
C THR A 71 7.98 26.84 4.49
N GLY A 72 8.85 25.97 4.97
CA GLY A 72 9.09 25.86 6.41
C GLY A 72 7.93 25.23 7.15
N LYS A 73 7.25 26.03 7.99
CA LYS A 73 6.19 25.51 8.88
C LYS A 73 4.83 25.53 8.23
N LEU A 74 4.01 24.54 8.59
CA LEU A 74 2.67 24.48 8.08
C LEU A 74 1.74 25.18 9.06
N PRO A 75 0.89 26.07 8.55
CA PRO A 75 -0.02 26.80 9.39
C PRO A 75 -1.22 25.98 9.88
N VAL A 76 -1.48 24.84 9.23
CA VAL A 76 -2.64 23.97 9.56
C VAL A 76 -2.17 22.57 9.95
N PRO A 77 -3.06 21.76 10.54
CA PRO A 77 -2.65 20.40 10.86
C PRO A 77 -2.73 19.49 9.65
N TRP A 78 -1.76 18.62 9.54
CA TRP A 78 -1.59 17.80 8.37
C TRP A 78 -2.86 17.12 7.86
N PRO A 79 -3.61 16.47 8.78
CA PRO A 79 -4.83 15.79 8.37
C PRO A 79 -5.75 16.59 7.45
N THR A 80 -6.00 17.85 7.78
CA THR A 80 -6.86 18.64 6.92
C THR A 80 -6.55 18.44 5.44
N LEU A 81 -5.26 18.42 5.13
CA LEU A 81 -4.81 18.43 3.74
C LEU A 81 -4.80 17.08 3.05
N VAL A 82 -4.76 16.01 3.85
CA VAL A 82 -4.78 14.65 3.32
C VAL A 82 -5.71 14.47 2.13
N THR A 83 -6.98 14.71 2.35
CA THR A 83 -7.98 14.55 1.33
C THR A 83 -7.63 15.31 0.07
N THR A 84 -7.17 16.55 0.21
CA THR A 84 -6.91 17.37 -1.01
C THR A 84 -5.65 16.95 -1.68
N LEU A 85 -4.65 16.70 -0.86
CA LEU A 85 -3.41 16.17 -1.30
C LEU A 85 -3.61 14.70 -1.67
N1 CRO A 86 -4.01 13.46 -1.27
CA1 CRO A 86 -4.38 12.19 -1.89
CB1 CRO A 86 -3.91 10.93 -1.13
CG1 CRO A 86 -2.40 10.83 -0.98
OG1 CRO A 86 -4.41 10.87 0.20
C1 CRO A 86 -5.85 12.26 -1.95
N2 CRO A 86 -6.66 11.68 -1.02
N3 CRO A 86 -6.54 12.95 -2.87
C2 CRO A 86 -7.79 12.79 -2.57
O2 CRO A 86 -8.76 13.32 -3.22
CA2 CRO A 86 -7.92 11.97 -1.38
CA3 CRO A 86 -6.10 13.71 -4.05
C3 CRO A 86 -6.24 12.83 -5.29
O3 CRO A 86 -7.08 13.25 -6.14
CB2 CRO A 86 -9.15 11.53 -0.69
CG2 CRO A 86 -9.23 10.75 0.56
CD1 CRO A 86 -8.12 10.17 1.15
CD2 CRO A 86 -10.46 10.63 1.19
CE1 CRO A 86 -8.26 9.47 2.34
CE2 CRO A 86 -10.60 9.93 2.39
CZ CRO A 86 -9.48 9.34 2.98
OH CRO A 86 -9.56 8.63 4.16
N VAL A 87 -5.32 11.74 -5.04
CA VAL A 87 -5.38 10.73 -6.11
C VAL A 87 -6.26 9.54 -5.75
N GLN A 88 -7.20 9.33 -6.64
CA GLN A 88 -8.21 8.34 -6.46
C GLN A 88 -8.24 7.41 -7.66
N CYS A 89 -7.20 7.51 -8.47
CA CYS A 89 -7.03 6.58 -9.55
C CYS A 89 -6.42 5.29 -9.03
N PHE A 90 -5.67 5.37 -7.93
CA PHE A 90 -5.09 4.16 -7.29
C PHE A 90 -6.06 3.36 -6.42
N SER A 91 -7.34 3.65 -6.57
CA SER A 91 -8.35 3.00 -5.81
C SER A 91 -8.53 1.60 -6.34
N ARG A 92 -8.63 0.63 -5.45
CA ARG A 92 -8.75 -0.75 -5.89
C ARG A 92 -10.18 -1.10 -6.30
N TYR A 93 -10.48 -0.97 -7.58
CA TYR A 93 -11.84 -1.30 -8.09
C TYR A 93 -11.93 -2.80 -8.36
N PRO A 94 -12.88 -3.50 -7.72
CA PRO A 94 -12.99 -4.94 -7.94
C PRO A 94 -13.34 -5.25 -9.36
N ASP A 95 -13.17 -6.51 -9.73
CA ASP A 95 -13.33 -6.93 -11.11
C ASP A 95 -14.72 -6.57 -11.63
N HIS A 96 -15.74 -6.90 -10.86
CA HIS A 96 -17.11 -6.63 -11.28
C HIS A 96 -17.45 -5.15 -11.38
N MET A 97 -16.79 -4.31 -10.58
CA MET A 97 -17.03 -2.88 -10.61
C MET A 97 -16.12 -2.13 -11.58
N LYS A 98 -15.36 -2.86 -12.40
CA LYS A 98 -14.33 -2.22 -13.23
C LYS A 98 -14.89 -1.18 -14.21
N GLN A 99 -16.21 -1.21 -14.41
CA GLN A 99 -16.87 -0.29 -15.33
C GLN A 99 -17.11 1.04 -14.70
N HIS A 100 -16.75 1.21 -13.44
CA HIS A 100 -17.13 2.40 -12.68
C HIS A 100 -15.95 3.34 -12.26
N ASP A 101 -14.71 2.91 -12.52
CA ASP A 101 -13.52 3.68 -12.19
C ASP A 101 -13.38 4.80 -13.20
N PHE A 102 -14.11 5.87 -12.93
CA PHE A 102 -14.00 7.07 -13.75
C PHE A 102 -12.57 7.59 -13.78
N PHE A 103 -11.90 7.52 -12.64
CA PHE A 103 -10.59 8.14 -12.45
C PHE A 103 -9.59 7.52 -13.39
N LYS A 104 -9.46 6.20 -13.33
CA LYS A 104 -8.57 5.54 -14.23
C LYS A 104 -8.99 5.83 -15.66
N SER A 105 -10.27 5.67 -15.97
CA SER A 105 -10.75 5.85 -17.34
C SER A 105 -10.31 7.18 -17.95
N ALA A 106 -10.29 8.23 -17.14
CA ALA A 106 -9.96 9.56 -17.60
C ALA A 106 -8.48 9.73 -17.96
N MET A 107 -7.65 8.82 -17.46
CA MET A 107 -6.22 8.85 -17.75
C MET A 107 -5.94 8.34 -19.16
N PRO A 108 -4.79 8.68 -19.72
CA PRO A 108 -3.74 9.46 -19.07
C PRO A 108 -3.93 10.99 -19.22
N GLU A 109 -4.91 11.36 -20.04
CA GLU A 109 -5.24 12.75 -20.31
C GLU A 109 -5.45 13.44 -18.95
N GLY A 110 -6.10 12.72 -18.02
CA GLY A 110 -6.26 13.14 -16.61
C GLY A 110 -7.59 13.77 -16.25
N TYR A 111 -7.76 14.16 -14.98
CA TYR A 111 -9.01 14.82 -14.51
C TYR A 111 -8.76 16.04 -13.61
N VAL A 112 -9.84 16.78 -13.34
CA VAL A 112 -9.77 17.95 -12.47
C VAL A 112 -10.69 17.81 -11.25
N GLN A 113 -10.09 17.85 -10.06
CA GLN A 113 -10.79 17.63 -8.78
C GLN A 113 -11.01 18.96 -8.00
N GLU A 114 -12.23 19.44 -8.03
CA GLU A 114 -12.64 20.66 -7.34
C GLU A 114 -13.41 20.33 -6.07
N ARG A 115 -12.98 20.88 -4.95
CA ARG A 115 -13.59 20.58 -3.66
C ARG A 115 -14.04 21.84 -2.96
N THR A 116 -14.78 21.67 -1.89
CA THR A 116 -15.15 22.77 -0.99
C THR A 116 -15.37 22.11 0.33
N ILE A 117 -14.55 22.44 1.33
CA ILE A 117 -14.53 21.67 2.57
C ILE A 117 -14.95 22.48 3.80
N PHE A 118 -16.21 22.36 4.20
CA PHE A 118 -16.76 23.11 5.33
C PHE A 118 -16.44 22.43 6.63
N PHE A 119 -15.62 23.07 7.46
CA PHE A 119 -15.33 22.54 8.80
C PHE A 119 -16.40 22.98 9.82
N LYS A 120 -16.91 21.98 10.54
CA LYS A 120 -17.98 22.19 11.49
C LYS A 120 -17.51 23.16 12.56
N ASP A 121 -18.22 24.29 12.68
CA ASP A 121 -17.90 25.32 13.69
C ASP A 121 -16.49 25.87 13.49
N ASP A 122 -16.15 26.13 12.22
CA ASP A 122 -14.86 26.67 11.87
C ASP A 122 -14.93 27.02 10.41
N GLY A 123 -13.77 27.26 9.81
CA GLY A 123 -13.67 27.77 8.46
C GLY A 123 -13.99 26.80 7.34
N ASN A 124 -13.43 27.08 6.16
CA ASN A 124 -13.64 26.28 4.97
C ASN A 124 -12.57 26.48 3.91
N TYR A 125 -12.26 25.39 3.19
CA TYR A 125 -11.36 25.43 2.04
C TYR A 125 -12.11 25.46 0.70
N LYS A 126 -11.36 25.83 -0.33
CA LYS A 126 -11.77 25.72 -1.72
C LYS A 126 -10.50 25.19 -2.36
N THR A 127 -10.60 24.18 -3.19
CA THR A 127 -9.41 23.63 -3.85
C THR A 127 -9.65 23.40 -5.33
N ARG A 128 -8.55 23.41 -6.09
CA ARG A 128 -8.55 22.99 -7.49
C ARG A 128 -7.28 22.19 -7.77
N ALA A 129 -7.45 20.92 -8.10
CA ALA A 129 -6.32 20.02 -8.39
C ALA A 129 -6.37 19.63 -9.85
N GLU A 130 -5.20 19.36 -10.41
CA GLU A 130 -5.06 18.81 -11.75
C GLU A 130 -4.34 17.48 -11.62
N VAL A 131 -5.10 16.40 -11.67
CA VAL A 131 -4.51 15.08 -11.56
C VAL A 131 -4.33 14.47 -12.96
N LYS A 132 -3.08 14.17 -13.33
CA LYS A 132 -2.77 13.60 -14.63
C LYS A 132 -1.43 12.92 -14.63
N PHE A 133 -1.14 12.27 -15.76
CA PHE A 133 0.08 11.52 -15.97
C PHE A 133 1.11 12.37 -16.66
N GLU A 134 2.30 12.47 -16.06
CA GLU A 134 3.44 13.17 -16.68
C GLU A 134 4.54 12.14 -17.00
N GLY A 135 4.68 11.83 -18.28
CA GLY A 135 5.58 10.78 -18.70
C GLY A 135 4.94 9.49 -18.29
N ASP A 136 5.36 8.99 -17.13
CA ASP A 136 4.71 7.82 -16.52
C ASP A 136 4.63 7.94 -14.98
N THR A 137 4.70 9.18 -14.51
CA THR A 137 4.50 9.48 -13.10
C THR A 137 3.17 10.19 -12.93
N LEU A 138 2.40 9.75 -11.95
CA LEU A 138 1.13 10.40 -11.68
C LEU A 138 1.39 11.71 -10.94
N VAL A 139 0.77 12.78 -11.41
CA VAL A 139 1.05 14.08 -10.85
C VAL A 139 -0.22 14.81 -10.45
N ASN A 140 -0.20 15.36 -9.24
CA ASN A 140 -1.31 16.13 -8.68
C ASN A 140 -0.87 17.57 -8.37
N ARG A 141 -1.54 18.55 -8.97
CA ARG A 141 -1.21 19.96 -8.79
C ARG A 141 -2.43 20.61 -8.16
N ILE A 142 -2.31 21.06 -6.92
CA ILE A 142 -3.45 21.65 -6.20
C ILE A 142 -3.25 23.14 -5.91
N GLU A 143 -4.37 23.85 -5.76
CA GLU A 143 -4.38 25.29 -5.46
C GLU A 143 -5.46 25.60 -4.39
N LEU A 144 -5.07 25.74 -3.12
CA LEU A 144 -6.02 25.86 -1.97
C LEU A 144 -6.30 27.28 -1.44
N LYS A 145 -7.54 27.52 -1.01
CA LYS A 145 -7.92 28.81 -0.44
C LYS A 145 -8.80 28.64 0.80
N GLY A 146 -8.22 28.89 1.97
CA GLY A 146 -8.98 28.84 3.24
C GLY A 146 -9.47 30.20 3.78
N ILE A 147 -10.70 30.23 4.28
CA ILE A 147 -11.27 31.44 4.90
C ILE A 147 -12.16 31.15 6.10
N ASP A 148 -12.46 32.19 6.87
CA ASP A 148 -13.36 32.11 8.03
C ASP A 148 -12.83 31.28 9.23
N PHE A 149 -11.59 30.80 9.14
CA PHE A 149 -11.08 29.89 10.15
C PHE A 149 -10.84 30.63 11.43
N LYS A 150 -11.35 30.07 12.52
CA LYS A 150 -11.23 30.64 13.86
C LYS A 150 -9.80 30.48 14.33
N GLU A 151 -9.28 31.53 14.97
CA GLU A 151 -7.88 31.61 15.38
C GLU A 151 -7.55 30.70 16.58
N ASP A 152 -8.51 30.60 17.51
CA ASP A 152 -8.49 29.57 18.55
C ASP A 152 -9.38 28.40 18.13
N GLY A 153 -9.53 28.21 16.83
CA GLY A 153 -10.20 27.04 16.29
C GLY A 153 -9.28 25.85 16.43
N ASN A 154 -9.79 24.70 16.02
CA ASN A 154 -9.02 23.48 16.06
C ASN A 154 -7.99 23.47 14.94
N ILE A 155 -8.36 24.13 13.84
CA ILE A 155 -7.54 24.08 12.65
C ILE A 155 -6.34 24.97 12.91
N LEU A 156 -6.60 26.26 13.13
CA LEU A 156 -5.54 27.23 13.29
C LEU A 156 -4.86 27.02 14.63
N GLY A 157 -5.62 26.48 15.60
CA GLY A 157 -5.07 26.10 16.90
C GLY A 157 -4.36 24.76 16.96
N HIS A 158 -4.25 24.06 15.83
CA HIS A 158 -3.53 22.79 15.77
C HIS A 158 -3.92 21.79 16.87
N LYS A 159 -5.23 21.69 17.13
CA LYS A 159 -5.72 20.81 18.19
C LYS A 159 -6.04 19.37 17.73
N LEU A 160 -5.47 18.95 16.59
CA LEU A 160 -5.83 17.67 15.97
C LEU A 160 -4.78 16.60 16.16
N GLU A 161 -5.24 15.37 16.39
CA GLU A 161 -4.36 14.21 16.55
C GLU A 161 -3.66 13.89 15.25
N TYR A 162 -2.52 13.23 15.35
CA TYR A 162 -1.80 12.77 14.18
C TYR A 162 -2.18 11.33 13.83
N ASN A 163 -3.36 11.20 13.21
CA ASN A 163 -3.87 9.92 12.66
C ASN A 163 -5.07 10.21 11.77
N TYR A 164 -5.61 9.18 11.12
CA TYR A 164 -6.81 9.31 10.27
C TYR A 164 -7.78 8.15 10.55
N ASN A 165 -9.01 8.29 10.07
CA ASN A 165 -9.98 7.24 10.23
C ASN A 165 -10.37 6.62 8.90
N SER A 166 -11.15 5.57 8.97
CA SER A 166 -11.68 4.94 7.79
C SER A 166 -12.92 5.68 7.40
N HIS A 167 -12.98 6.13 6.17
CA HIS A 167 -14.17 6.83 5.74
C HIS A 167 -14.72 6.28 4.47
N ASN A 168 -15.97 6.61 4.20
CA ASN A 168 -16.58 6.18 2.95
C ASN A 168 -16.78 7.39 2.11
N VAL A 169 -16.35 7.28 0.86
CA VAL A 169 -16.38 8.35 -0.09
C VAL A 169 -17.49 8.09 -1.08
N TYR A 170 -18.54 8.89 -1.07
CA TYR A 170 -19.75 8.52 -1.79
C TYR A 170 -19.76 9.09 -3.18
N ILE A 171 -19.72 8.21 -4.16
CA ILE A 171 -19.57 8.60 -5.56
C ILE A 171 -20.87 8.50 -6.33
N MET A 172 -21.06 9.44 -7.28
CA MET A 172 -22.31 9.56 -8.01
C MET A 172 -22.09 10.36 -9.31
N ALA A 173 -22.51 9.80 -10.44
CA ALA A 173 -22.23 10.39 -11.76
C ALA A 173 -22.95 11.72 -12.00
N ASP A 174 -22.37 12.54 -12.87
CA ASP A 174 -22.90 13.86 -13.20
C ASP A 174 -23.11 13.90 -14.71
N LYS A 175 -24.20 13.25 -15.17
CA LYS A 175 -24.59 13.25 -16.58
C LYS A 175 -24.52 14.65 -17.20
N GLN A 176 -25.05 15.62 -16.46
CA GLN A 176 -25.22 17.02 -16.92
C GLN A 176 -23.88 17.59 -17.35
N LYS A 177 -22.89 17.54 -16.45
CA LYS A 177 -21.51 17.78 -16.81
C LYS A 177 -21.00 16.51 -17.50
N ASN A 178 -19.88 15.94 -17.07
CA ASN A 178 -19.38 14.70 -17.68
C ASN A 178 -18.38 14.00 -16.78
N GLY A 179 -18.76 13.84 -15.54
CA GLY A 179 -17.83 13.37 -14.51
C GLY A 179 -18.67 12.94 -13.34
N ILE A 180 -18.26 13.32 -12.14
CA ILE A 180 -18.85 12.78 -10.93
C ILE A 180 -18.97 13.81 -9.82
N LYS A 181 -20.01 13.67 -9.01
CA LYS A 181 -20.14 14.44 -7.80
C LYS A 181 -19.79 13.51 -6.65
N VAL A 182 -18.74 13.86 -5.92
CA VAL A 182 -18.33 13.07 -4.79
C VAL A 182 -18.63 13.85 -3.52
N ASN A 183 -18.94 13.13 -2.44
CA ASN A 183 -19.25 13.76 -1.15
C ASN A 183 -18.88 12.83 -0.03
N PHE A 184 -18.36 13.39 1.04
CA PHE A 184 -18.09 12.59 2.25
C PHE A 184 -17.91 13.46 3.47
N LYS A 185 -17.83 12.83 4.63
CA LYS A 185 -17.73 13.57 5.88
C LYS A 185 -16.57 13.09 6.73
N ILE A 186 -15.41 13.73 6.60
CA ILE A 186 -14.21 13.28 7.31
C ILE A 186 -14.30 13.55 8.81
N ARG A 187 -13.81 12.60 9.61
CA ARG A 187 -13.85 12.70 11.07
C ARG A 187 -12.47 12.88 11.64
N HIS A 188 -12.10 14.11 12.01
CA HIS A 188 -10.76 14.40 12.52
C HIS A 188 -10.75 14.35 14.04
N ASN A 189 -9.89 13.49 14.59
CA ASN A 189 -9.83 13.36 16.04
C ASN A 189 -9.14 14.53 16.73
N ILE A 190 -9.69 14.96 17.85
CA ILE A 190 -9.09 16.06 18.62
C ILE A 190 -8.19 15.45 19.68
N GLU A 191 -7.09 16.15 20.02
CA GLU A 191 -6.06 15.56 20.91
C GLU A 191 -6.68 15.06 22.24
N ASP A 192 -7.24 15.98 23.01
CA ASP A 192 -8.10 15.59 24.15
C ASP A 192 -9.51 16.12 23.98
N GLY A 193 -10.17 15.60 22.96
CA GLY A 193 -11.54 15.96 22.62
C GLY A 193 -12.11 14.93 21.67
N SER A 194 -13.25 15.28 21.10
CA SER A 194 -14.01 14.33 20.33
C SER A 194 -13.51 14.32 18.90
N VAL A 195 -14.21 15.09 18.07
CA VAL A 195 -14.15 14.98 16.61
C VAL A 195 -14.49 16.33 15.96
N GLN A 196 -13.62 16.77 15.05
CA GLN A 196 -13.90 17.94 14.23
C GLN A 196 -14.32 17.39 12.90
N LEU A 197 -15.49 17.78 12.44
CA LEU A 197 -16.00 17.23 11.19
C LEU A 197 -15.51 18.03 10.00
N ALA A 198 -15.80 17.53 8.79
CA ALA A 198 -15.44 18.19 7.55
C ALA A 198 -16.33 17.67 6.44
N ASP A 199 -17.34 18.43 6.09
CA ASP A 199 -18.16 18.09 4.93
C ASP A 199 -17.41 18.37 3.63
N HIS A 200 -17.08 17.34 2.86
CA HIS A 200 -16.39 17.53 1.60
C HIS A 200 -17.43 17.51 0.49
N TYR A 201 -17.44 18.57 -0.32
CA TYR A 201 -18.25 18.64 -1.52
C TYR A 201 -17.32 18.72 -2.73
N GLN A 202 -17.21 17.59 -3.44
CA GLN A 202 -16.22 17.38 -4.50
C GLN A 202 -16.91 17.29 -5.88
N GLN A 203 -16.15 17.51 -6.93
CA GLN A 203 -16.68 17.38 -8.26
C GLN A 203 -15.51 17.19 -9.17
N ASN A 204 -15.55 16.15 -9.99
CA ASN A 204 -14.44 15.89 -10.90
C ASN A 204 -14.86 15.95 -12.34
N THR A 205 -13.91 16.27 -13.19
CA THR A 205 -14.17 16.48 -14.60
C THR A 205 -12.92 16.21 -15.42
N PRO A 206 -13.11 15.67 -16.61
CA PRO A 206 -11.98 15.21 -17.37
C PRO A 206 -11.22 16.34 -18.03
N ILE A 207 -9.91 16.13 -18.16
CA ILE A 207 -9.01 17.05 -18.83
C ILE A 207 -9.14 16.94 -20.34
N GLY A 208 -8.80 15.76 -20.88
CA GLY A 208 -8.87 15.52 -22.33
C GLY A 208 -10.31 15.50 -22.82
N ASP A 209 -10.52 15.05 -24.05
CA ASP A 209 -11.88 14.92 -24.57
C ASP A 209 -12.30 13.47 -24.77
N GLY A 210 -11.42 12.54 -24.41
CA GLY A 210 -11.66 11.11 -24.60
C GLY A 210 -12.97 10.68 -23.96
N PRO A 211 -13.39 9.44 -24.21
CA PRO A 211 -14.61 8.93 -23.57
C PRO A 211 -14.27 8.30 -22.21
N VAL A 212 -15.08 8.60 -21.20
CA VAL A 212 -14.81 8.16 -19.84
C VAL A 212 -15.99 7.38 -19.32
N LEU A 213 -15.73 6.53 -18.35
CA LEU A 213 -16.78 5.76 -17.69
C LEU A 213 -17.53 6.65 -16.72
N LEU A 214 -18.86 6.62 -16.77
CA LEU A 214 -19.67 7.26 -15.74
C LEU A 214 -20.41 6.20 -14.95
N PRO A 215 -20.20 6.18 -13.62
CA PRO A 215 -20.64 5.08 -12.82
C PRO A 215 -22.00 5.26 -12.15
N ASP A 216 -22.70 4.16 -11.89
CA ASP A 216 -23.80 4.14 -10.93
C ASP A 216 -23.32 4.53 -9.54
N ASN A 217 -24.26 4.89 -8.68
CA ASN A 217 -23.90 5.30 -7.32
C ASN A 217 -23.26 4.18 -6.47
N HIS A 218 -22.00 4.40 -6.10
CA HIS A 218 -21.26 3.52 -5.18
C HIS A 218 -20.42 4.33 -4.22
N TYR A 219 -19.48 3.69 -3.54
CA TYR A 219 -18.56 4.43 -2.69
C TYR A 219 -17.19 3.79 -2.56
N LEU A 220 -16.29 4.45 -1.85
CA LEU A 220 -14.94 3.93 -1.62
C LEU A 220 -14.65 3.75 -0.14
N SER A 221 -13.85 2.76 0.19
CA SER A 221 -13.56 2.51 1.56
C SER A 221 -12.08 2.75 1.83
N THR A 222 -11.81 3.82 2.56
CA THR A 222 -10.45 4.26 2.84
C THR A 222 -9.90 3.84 4.20
N GLN A 223 -8.58 3.64 4.21
CA GLN A 223 -7.81 3.32 5.42
C GLN A 223 -6.54 4.05 5.26
N SER A 224 -6.28 5.01 6.14
CA SER A 224 -5.08 5.83 6.00
C SER A 224 -4.26 5.80 7.30
N ALA A 225 -2.95 5.89 7.17
CA ALA A 225 -2.05 5.86 8.32
C ALA A 225 -1.02 7.00 8.26
N LEU A 226 -0.92 7.73 9.36
CA LEU A 226 0.02 8.81 9.48
C LEU A 226 1.23 8.37 10.31
N SER A 227 2.42 8.62 9.81
CA SER A 227 3.65 8.32 10.55
C SER A 227 4.65 9.45 10.34
N LYS A 228 5.75 9.41 11.07
CA LYS A 228 6.81 10.42 11.00
C LYS A 228 8.20 9.80 10.87
N ASP A 229 8.92 10.19 9.81
CA ASP A 229 10.37 9.91 9.65
C ASP A 229 11.29 10.60 10.68
N PRO A 230 12.12 9.83 11.43
CA PRO A 230 13.01 10.48 12.41
C PRO A 230 14.16 11.27 11.73
N ASN A 231 14.59 10.84 10.55
CA ASN A 231 15.73 11.46 9.86
C ASN A 231 15.38 12.77 9.17
N GLU A 232 14.15 12.90 8.68
CA GLU A 232 13.72 14.13 8.06
C GLU A 232 13.46 15.20 9.14
N LYS A 233 14.04 16.36 8.91
CA LYS A 233 14.00 17.42 9.89
C LYS A 233 12.97 18.47 9.50
N ARG A 234 12.58 18.51 8.22
CA ARG A 234 11.55 19.44 7.76
C ARG A 234 10.18 19.07 8.35
N ASP A 235 9.20 19.95 8.10
CA ASP A 235 7.81 19.70 8.42
C ASP A 235 7.25 18.73 7.37
N HIS A 236 6.91 17.50 7.78
CA HIS A 236 6.50 16.46 6.81
C HIS A 236 5.29 15.61 7.24
N MET A 237 4.98 14.59 6.44
CA MET A 237 3.99 13.54 6.78
C MET A 237 4.25 12.24 6.01
N VAL A 238 4.11 11.11 6.67
CA VAL A 238 4.28 9.83 6.00
C VAL A 238 2.94 9.10 5.95
N LEU A 239 2.47 8.88 4.73
CA LEU A 239 1.13 8.39 4.48
C LEU A 239 1.13 6.98 3.98
N LEU A 240 0.18 6.20 4.48
CA LEU A 240 -0.04 4.85 3.98
C LEU A 240 -1.55 4.66 3.80
N GLU A 241 -1.99 4.67 2.54
CA GLU A 241 -3.42 4.59 2.24
C GLU A 241 -3.82 3.19 1.69
N PHE A 242 -5.12 2.92 1.66
CA PHE A 242 -5.68 1.72 1.02
C PHE A 242 -7.14 1.94 0.60
N VAL A 243 -7.33 2.70 -0.46
CA VAL A 243 -8.67 2.95 -0.98
C VAL A 243 -9.12 1.72 -1.75
N THR A 244 -10.30 1.23 -1.45
CA THR A 244 -10.85 0.06 -2.16
C THR A 244 -12.38 0.16 -2.42
N ALA A 245 -12.79 0.15 -3.68
CA ALA A 245 -14.17 0.53 -4.02
C ALA A 245 -15.20 -0.56 -3.62
N ALA A 246 -16.43 -0.12 -3.32
CA ALA A 246 -17.51 -1.01 -2.94
C ALA A 246 -18.86 -0.37 -3.19
N GLY A 247 -19.89 -1.20 -3.38
CA GLY A 247 -21.24 -0.71 -3.63
C GLY A 247 -22.03 -1.57 -4.58
N ILE A 248 -21.61 -1.60 -5.85
CA ILE A 248 -22.26 -2.41 -6.89
C ILE A 248 -22.18 -3.90 -6.58
N THR A 249 -23.16 -4.66 -7.04
CA THR A 249 -23.20 -6.10 -6.79
C THR A 249 -23.77 -6.87 -7.97
N LEU A 250 -23.23 -8.06 -8.22
CA LEU A 250 -23.46 -8.74 -9.48
C LEU A 250 -23.33 -10.26 -9.34
N SER B 23 -34.75 -25.96 18.79
CA SER B 23 -34.76 -27.24 19.58
C SER B 23 -34.56 -26.99 21.07
N LYS B 24 -35.15 -27.87 21.88
CA LYS B 24 -35.03 -27.75 23.33
C LYS B 24 -33.58 -27.67 23.76
N GLY B 25 -32.71 -28.42 23.08
CA GLY B 25 -31.30 -28.39 23.38
C GLY B 25 -30.71 -26.99 23.26
N GLU B 26 -30.92 -26.34 22.11
CA GLU B 26 -30.33 -25.00 21.87
C GLU B 26 -30.70 -23.96 22.93
N GLU B 27 -31.90 -24.09 23.51
CA GLU B 27 -32.37 -23.14 24.50
C GLU B 27 -31.52 -23.14 25.75
N LEU B 28 -30.84 -24.25 26.01
CA LEU B 28 -29.98 -24.34 27.17
C LEU B 28 -28.75 -23.45 27.05
N PHE B 29 -28.24 -23.33 25.82
CA PHE B 29 -26.97 -22.67 25.59
C PHE B 29 -27.08 -21.16 25.34
N THR B 30 -28.24 -20.58 25.67
CA THR B 30 -28.54 -19.18 25.35
C THR B 30 -27.62 -18.17 26.03
N GLY B 31 -27.16 -18.50 27.23
CA GLY B 31 -26.22 -17.66 27.94
C GLY B 31 -24.94 -18.43 28.16
N VAL B 32 -24.25 -18.10 29.23
CA VAL B 32 -23.00 -18.78 29.59
C VAL B 32 -23.32 -20.03 30.41
N VAL B 33 -22.68 -21.13 30.07
CA VAL B 33 -22.95 -22.39 30.72
C VAL B 33 -21.66 -23.02 31.21
N PRO B 34 -21.63 -23.44 32.50
CA PRO B 34 -20.45 -24.10 33.05
C PRO B 34 -20.20 -25.49 32.47
N ILE B 35 -18.92 -25.85 32.42
CA ILE B 35 -18.47 -27.02 31.69
C ILE B 35 -17.57 -27.91 32.54
N LEU B 36 -17.67 -29.23 32.34
CA LEU B 36 -16.81 -30.20 33.04
C LEU B 36 -16.33 -31.34 32.12
N VAL B 37 -15.04 -31.65 32.18
CA VAL B 37 -14.41 -32.66 31.34
C VAL B 37 -13.51 -33.57 32.17
N GLU B 38 -13.68 -34.89 32.00
CA GLU B 38 -12.90 -35.88 32.71
C GLU B 38 -12.36 -36.88 31.69
N LEU B 39 -11.06 -37.13 31.71
CA LEU B 39 -10.44 -38.06 30.75
C LEU B 39 -9.56 -39.08 31.45
N ASP B 40 -9.72 -40.34 31.06
CA ASP B 40 -8.79 -41.41 31.41
C ASP B 40 -8.12 -41.87 30.12
N GLY B 41 -6.78 -41.81 30.09
CA GLY B 41 -6.03 -42.14 28.89
C GLY B 41 -4.96 -43.18 29.13
N ASP B 42 -4.58 -43.85 28.06
CA ASP B 42 -3.52 -44.85 28.10
C ASP B 42 -2.82 -44.83 26.75
N VAL B 43 -1.57 -44.36 26.71
CA VAL B 43 -0.84 -44.25 25.46
C VAL B 43 0.43 -45.06 25.51
N ASN B 44 0.44 -46.18 24.79
CA ASN B 44 1.56 -47.12 24.77
C ASN B 44 1.94 -47.59 26.18
N GLY B 45 0.93 -47.78 27.05
CA GLY B 45 1.16 -48.18 28.44
C GLY B 45 1.06 -47.04 29.44
N HIS B 46 1.51 -45.84 29.04
CA HIS B 46 1.57 -44.70 29.94
C HIS B 46 0.16 -44.27 30.34
N LYS B 47 -0.27 -44.72 31.52
CA LYS B 47 -1.59 -44.37 32.07
C LYS B 47 -1.61 -42.90 32.57
N PHE B 48 -2.76 -42.26 32.48
CA PHE B 48 -2.92 -40.87 32.97
C PHE B 48 -4.38 -40.43 32.95
N SER B 49 -4.64 -39.31 33.62
CA SER B 49 -5.99 -38.79 33.67
C SER B 49 -5.99 -37.29 33.73
N VAL B 50 -6.93 -36.70 32.98
CA VAL B 50 -7.09 -35.26 32.87
C VAL B 50 -8.50 -34.83 33.24
N SER B 51 -8.58 -33.66 33.85
CA SER B 51 -9.84 -33.11 34.27
C SER B 51 -9.83 -31.61 34.05
N GLY B 52 -10.96 -31.07 33.57
CA GLY B 52 -11.09 -29.66 33.22
C GLY B 52 -12.42 -29.00 33.59
N GLU B 53 -12.33 -27.72 33.95
CA GLU B 53 -13.46 -26.95 34.45
C GLU B 53 -13.50 -25.58 33.77
N GLY B 54 -14.68 -25.17 33.31
CA GLY B 54 -14.84 -23.88 32.65
C GLY B 54 -16.26 -23.53 32.26
N GLU B 55 -16.38 -22.60 31.31
CA GLU B 55 -17.66 -22.03 30.94
C GLU B 55 -17.67 -21.65 29.46
N GLY B 56 -18.83 -21.78 28.83
CA GLY B 56 -18.96 -21.58 27.37
C GLY B 56 -20.18 -20.79 26.92
N ASP B 57 -19.93 -19.76 26.10
CA ASP B 57 -20.98 -18.90 25.53
C ASP B 57 -21.14 -19.25 24.04
N ALA B 58 -22.08 -20.15 23.76
CA ALA B 58 -22.31 -20.59 22.38
C ALA B 58 -22.80 -19.44 21.51
N THR B 59 -23.32 -18.41 22.17
CA THR B 59 -23.65 -17.15 21.53
C THR B 59 -22.45 -16.54 20.75
N TYR B 60 -21.23 -16.77 21.18
CA TYR B 60 -20.06 -16.36 20.42
C TYR B 60 -19.21 -17.53 19.97
N GLY B 61 -19.66 -18.75 20.30
CA GLY B 61 -18.90 -19.95 20.01
C GLY B 61 -17.69 -20.07 20.92
N LYS B 62 -17.63 -19.23 21.96
CA LYS B 62 -16.47 -19.14 22.81
C LYS B 62 -16.47 -20.29 23.79
N LEU B 63 -15.28 -20.82 24.04
CA LEU B 63 -15.04 -21.80 25.08
C LEU B 63 -13.84 -21.34 25.86
N THR B 64 -13.97 -21.36 27.17
CA THR B 64 -12.87 -20.97 27.99
C THR B 64 -12.78 -21.92 29.19
N LEU B 65 -11.66 -22.64 29.29
CA LEU B 65 -11.49 -23.70 30.27
C LEU B 65 -10.08 -23.80 30.82
N LYS B 66 -9.95 -24.64 31.85
CA LYS B 66 -8.66 -24.98 32.41
C LYS B 66 -8.61 -26.50 32.61
N PHE B 67 -7.67 -27.17 31.97
CA PHE B 67 -7.52 -28.61 32.07
C PHE B 67 -6.25 -28.91 32.76
N ILE B 68 -6.31 -29.88 33.66
CA ILE B 68 -5.18 -30.21 34.48
C ILE B 68 -4.99 -31.72 34.47
N CYS B 69 -3.73 -32.15 34.44
CA CYS B 69 -3.40 -33.55 34.64
C CYS B 69 -3.46 -33.83 36.12
N THR B 70 -4.37 -34.71 36.51
CA THR B 70 -4.50 -35.14 37.90
C THR B 70 -3.32 -36.04 38.29
N THR B 71 -2.90 -36.87 37.35
CA THR B 71 -1.82 -37.83 37.55
C THR B 71 -0.41 -37.24 37.38
N GLY B 72 -0.17 -36.03 37.87
CA GLY B 72 1.15 -35.39 37.72
C GLY B 72 1.48 -34.88 36.32
N LYS B 73 2.54 -35.41 35.70
CA LYS B 73 2.95 -34.95 34.35
C LYS B 73 2.23 -35.73 33.28
N LEU B 74 2.00 -35.06 32.16
CA LEU B 74 1.31 -35.66 31.04
C LEU B 74 2.35 -36.30 30.12
N PRO B 75 2.10 -37.55 29.70
CA PRO B 75 3.05 -38.24 28.82
C PRO B 75 3.05 -37.74 27.37
N VAL B 76 2.02 -37.01 26.97
CA VAL B 76 1.89 -36.49 25.60
C VAL B 76 1.82 -34.97 25.59
N PRO B 77 1.99 -34.34 24.41
CA PRO B 77 1.83 -32.91 24.37
C PRO B 77 0.36 -32.50 24.33
N TRP B 78 0.06 -31.43 25.04
CA TRP B 78 -1.31 -31.00 25.25
C TRP B 78 -2.16 -30.96 23.97
N PRO B 79 -1.62 -30.34 22.91
CA PRO B 79 -2.39 -30.25 21.67
C PRO B 79 -3.08 -31.53 21.20
N THR B 80 -2.35 -32.63 21.22
CA THR B 80 -2.94 -33.88 20.79
C THR B 80 -4.34 -34.03 21.37
N LEU B 81 -4.49 -33.69 22.63
CA LEU B 81 -5.71 -34.00 23.39
C LEU B 81 -6.83 -33.01 23.18
N VAL B 82 -6.47 -31.80 22.77
CA VAL B 82 -7.46 -30.75 22.51
C VAL B 82 -8.73 -31.29 21.87
N THR B 83 -8.59 -31.89 20.70
CA THR B 83 -9.73 -32.40 19.96
C THR B 83 -10.55 -33.34 20.79
N THR B 84 -9.88 -34.17 21.55
CA THR B 84 -10.54 -35.19 22.34
C THR B 84 -11.24 -34.59 23.56
N LEU B 85 -10.52 -33.70 24.24
CA LEU B 85 -11.08 -32.97 25.36
C LEU B 85 -12.25 -32.12 24.87
N1 CRO B 86 -12.24 -31.20 23.91
CA1 CRO B 86 -13.08 -30.22 23.29
CB1 CRO B 86 -12.36 -28.87 23.33
CG1 CRO B 86 -12.52 -28.26 24.72
OG1 CRO B 86 -10.96 -29.02 22.99
C1 CRO B 86 -13.34 -30.68 21.91
N2 CRO B 86 -12.75 -30.12 20.80
N3 CRO B 86 -14.15 -31.73 21.62
C2 CRO B 86 -14.09 -31.84 20.33
O2 CRO B 86 -14.73 -32.76 19.71
CA2 CRO B 86 -13.21 -30.83 19.76
CA3 CRO B 86 -14.91 -32.63 22.50
C3 CRO B 86 -16.34 -32.22 22.77
O3 CRO B 86 -17.12 -33.12 23.20
CB2 CRO B 86 -12.86 -30.58 18.34
CG2 CRO B 86 -11.95 -29.54 17.84
CD1 CRO B 86 -11.26 -28.62 18.63
CD2 CRO B 86 -11.72 -29.53 16.47
CE1 CRO B 86 -10.39 -27.68 18.01
CE2 CRO B 86 -10.85 -28.62 15.87
CZ CRO B 86 -10.16 -27.66 16.61
OH CRO B 86 -9.29 -26.74 16.00
N VAL B 87 -16.23 -30.88 23.26
CA VAL B 87 -17.58 -30.33 23.18
C VAL B 87 -17.76 -29.44 21.96
N GLN B 88 -18.80 -29.82 21.22
CA GLN B 88 -19.12 -29.21 19.97
C GLN B 88 -20.56 -28.73 20.00
N CYS B 89 -21.15 -28.75 21.18
CA CYS B 89 -22.46 -28.20 21.37
C CYS B 89 -22.36 -26.69 21.49
N PHE B 90 -21.20 -26.19 21.94
CA PHE B 90 -20.95 -24.73 22.04
C PHE B 90 -20.51 -24.06 20.73
N SER B 91 -20.74 -24.76 19.64
CA SER B 91 -20.40 -24.26 18.34
C SER B 91 -21.41 -23.20 17.97
N ARG B 92 -20.95 -22.08 17.42
CA ARG B 92 -21.84 -20.99 17.05
C ARG B 92 -22.54 -21.25 15.72
N TYR B 93 -23.72 -21.85 15.77
CA TYR B 93 -24.48 -22.15 14.56
C TYR B 93 -25.26 -20.87 14.19
N PRO B 94 -25.02 -20.31 12.99
CA PRO B 94 -25.80 -19.15 12.58
C PRO B 94 -27.30 -19.41 12.55
N ASP B 95 -28.07 -18.33 12.49
CA ASP B 95 -29.53 -18.41 12.57
C ASP B 95 -30.08 -19.31 11.48
N HIS B 96 -29.64 -19.08 10.24
CA HIS B 96 -30.12 -19.88 9.10
C HIS B 96 -29.74 -21.36 9.17
N MET B 97 -28.60 -21.68 9.79
CA MET B 97 -28.14 -23.07 9.93
C MET B 97 -28.66 -23.76 11.20
N LYS B 98 -29.56 -23.12 11.94
CA LYS B 98 -29.96 -23.63 13.26
C LYS B 98 -30.61 -25.01 13.21
N GLN B 99 -30.99 -25.46 12.01
CA GLN B 99 -31.60 -26.77 11.84
C GLN B 99 -30.57 -27.88 11.77
N HIS B 100 -29.29 -27.54 11.86
CA HIS B 100 -28.22 -28.52 11.59
C HIS B 100 -27.34 -28.85 12.80
N ASP B 101 -27.55 -28.15 13.90
CA ASP B 101 -26.81 -28.40 15.13
C ASP B 101 -27.32 -29.69 15.78
N PHE B 102 -26.79 -30.83 15.32
CA PHE B 102 -27.13 -32.12 15.89
C PHE B 102 -26.79 -32.14 17.39
N PHE B 103 -25.66 -31.52 17.73
CA PHE B 103 -25.09 -31.62 19.07
C PHE B 103 -26.06 -31.04 20.07
N LYS B 104 -26.43 -29.80 19.85
CA LYS B 104 -27.39 -29.18 20.73
C LYS B 104 -28.66 -30.01 20.75
N SER B 105 -29.16 -30.38 19.58
CA SER B 105 -30.45 -31.09 19.49
C SER B 105 -30.48 -32.34 20.36
N ALA B 106 -29.35 -33.03 20.44
CA ALA B 106 -29.25 -34.26 21.22
C ALA B 106 -29.33 -34.04 22.74
N MET B 107 -29.07 -32.82 23.17
CA MET B 107 -29.15 -32.47 24.59
C MET B 107 -30.62 -32.35 25.05
N PRO B 108 -30.87 -32.48 26.36
CA PRO B 108 -29.85 -32.67 27.40
C PRO B 108 -29.48 -34.14 27.65
N GLU B 109 -30.22 -35.03 27.01
CA GLU B 109 -30.01 -36.48 27.09
C GLU B 109 -28.54 -36.77 26.74
N GLY B 110 -28.02 -36.06 25.72
CA GLY B 110 -26.59 -36.04 25.37
C GLY B 110 -26.22 -36.91 24.18
N TYR B 111 -24.92 -36.92 23.83
CA TYR B 111 -24.42 -37.75 22.71
C TYR B 111 -23.12 -38.49 23.04
N VAL B 112 -22.74 -39.41 22.16
CA VAL B 112 -21.51 -40.19 22.30
C VAL B 112 -20.57 -39.98 21.12
N GLN B 113 -19.37 -39.46 21.42
CA GLN B 113 -18.37 -39.11 20.42
C GLN B 113 -17.23 -40.14 20.38
N GLU B 114 -17.24 -40.96 19.32
CA GLU B 114 -16.21 -41.97 19.09
C GLU B 114 -15.27 -41.50 18.00
N ARG B 115 -13.98 -41.53 18.30
CA ARG B 115 -12.97 -41.09 17.35
C ARG B 115 -11.93 -42.16 17.11
N THR B 116 -11.10 -41.94 16.10
CA THR B 116 -9.94 -42.77 15.82
C THR B 116 -8.96 -41.87 15.12
N ILE B 117 -7.82 -41.61 15.73
CA ILE B 117 -6.94 -40.52 15.27
C ILE B 117 -5.57 -40.99 14.81
N PHE B 118 -5.40 -41.14 13.50
CA PHE B 118 -4.17 -41.66 12.91
C PHE B 118 -3.15 -40.55 12.73
N PHE B 119 -2.05 -40.61 13.48
CA PHE B 119 -0.97 -39.64 13.31
C PHE B 119 0.00 -40.04 12.18
N LYS B 120 0.27 -39.09 11.29
CA LYS B 120 1.13 -39.29 10.12
C LYS B 120 2.50 -39.69 10.58
N ASP B 121 2.94 -40.88 10.17
CA ASP B 121 4.28 -41.39 10.51
C ASP B 121 4.44 -41.51 12.02
N ASP B 122 3.40 -42.04 12.67
CA ASP B 122 3.40 -42.23 14.11
C ASP B 122 2.15 -43.02 14.47
N GLY B 123 1.83 -43.05 15.76
CA GLY B 123 0.79 -43.93 16.29
C GLY B 123 -0.64 -43.52 15.99
N ASN B 124 -1.54 -43.94 16.87
CA ASN B 124 -2.96 -43.64 16.74
C ASN B 124 -3.74 -43.79 18.06
N TYR B 125 -4.76 -42.96 18.23
CA TYR B 125 -5.67 -43.07 19.35
C TYR B 125 -6.99 -43.73 18.98
N LYS B 126 -7.71 -44.12 20.03
CA LYS B 126 -9.09 -44.56 19.94
C LYS B 126 -9.70 -43.88 21.15
N THR B 127 -10.87 -43.26 20.98
CA THR B 127 -11.51 -42.58 22.11
C THR B 127 -12.97 -42.86 22.15
N ARG B 128 -13.52 -42.77 23.36
CA ARG B 128 -14.95 -42.82 23.56
C ARG B 128 -15.31 -41.79 24.62
N ALA B 129 -16.10 -40.79 24.21
CA ALA B 129 -16.56 -39.74 25.11
C ALA B 129 -18.05 -39.85 25.31
N GLU B 130 -18.51 -39.40 26.47
CA GLU B 130 -19.93 -39.29 26.77
C GLU B 130 -20.20 -37.83 27.10
N VAL B 131 -20.72 -37.10 26.13
CA VAL B 131 -21.00 -35.69 26.32
C VAL B 131 -22.47 -35.52 26.67
N LYS B 132 -22.75 -34.98 27.85
CA LYS B 132 -24.12 -34.77 28.30
C LYS B 132 -24.20 -33.71 29.39
N PHE B 133 -25.43 -33.38 29.76
CA PHE B 133 -25.74 -32.40 30.78
C PHE B 133 -25.92 -33.07 32.13
N GLU B 134 -25.18 -32.62 33.13
CA GLU B 134 -25.35 -33.08 34.51
C GLU B 134 -25.83 -31.93 35.37
N GLY B 135 -27.12 -31.97 35.72
CA GLY B 135 -27.75 -30.88 36.45
C GLY B 135 -27.91 -29.73 35.49
N ASP B 136 -26.92 -28.84 35.48
CA ASP B 136 -26.86 -27.80 34.47
C ASP B 136 -25.41 -27.52 34.04
N THR B 137 -24.54 -28.48 34.28
CA THR B 137 -23.15 -28.39 33.84
C THR B 137 -22.96 -29.38 32.70
N LEU B 138 -22.32 -28.92 31.63
CA LEU B 138 -22.04 -29.79 30.52
C LEU B 138 -20.86 -30.67 30.92
N VAL B 139 -21.00 -31.96 30.70
CA VAL B 139 -19.98 -32.89 31.14
C VAL B 139 -19.52 -33.81 30.03
N ASN B 140 -18.20 -33.93 29.90
CA ASN B 140 -17.55 -34.78 28.92
C ASN B 140 -16.70 -35.83 29.64
N ARG B 141 -17.01 -37.10 29.39
CA ARG B 141 -16.28 -38.23 29.99
C ARG B 141 -15.65 -39.00 28.87
N ILE B 142 -14.32 -38.98 28.81
CA ILE B 142 -13.60 -39.65 27.73
C ILE B 142 -12.80 -40.86 28.22
N GLU B 143 -12.56 -41.81 27.32
CA GLU B 143 -11.74 -42.99 27.62
C GLU B 143 -10.78 -43.28 26.43
N LEU B 144 -9.50 -42.88 26.56
CA LEU B 144 -8.54 -42.95 25.44
C LEU B 144 -7.58 -44.16 25.43
N LYS B 145 -7.25 -44.64 24.24
CA LYS B 145 -6.30 -45.73 24.08
C LYS B 145 -5.32 -45.49 22.91
N GLY B 146 -4.07 -45.16 23.23
CA GLY B 146 -3.02 -44.96 22.22
C GLY B 146 -2.09 -46.15 21.98
N ILE B 147 -1.78 -46.43 20.71
CA ILE B 147 -0.86 -47.52 20.36
C ILE B 147 0.04 -47.16 19.17
N ASP B 148 1.09 -47.95 18.97
CA ASP B 148 2.02 -47.82 17.82
C ASP B 148 2.87 -46.56 17.82
N PHE B 149 2.76 -45.76 18.87
CA PHE B 149 3.45 -44.49 18.89
C PHE B 149 4.95 -44.69 19.01
N LYS B 150 5.69 -44.03 18.13
CA LYS B 150 7.13 -44.07 18.11
C LYS B 150 7.70 -43.32 19.32
N GLU B 151 8.73 -43.89 19.95
CA GLU B 151 9.31 -43.37 21.20
C GLU B 151 10.14 -42.09 20.96
N ASP B 152 10.84 -42.02 19.82
CA ASP B 152 11.42 -40.79 19.31
C ASP B 152 10.49 -40.16 18.27
N GLY B 153 9.20 -40.44 18.39
CA GLY B 153 8.21 -39.76 17.60
C GLY B 153 8.03 -38.35 18.13
N ASN B 154 7.17 -37.60 17.45
CA ASN B 154 6.87 -36.24 17.85
C ASN B 154 5.94 -36.24 19.06
N ILE B 155 5.12 -37.28 19.14
CA ILE B 155 4.11 -37.37 20.17
C ILE B 155 4.82 -37.70 21.47
N LEU B 156 5.45 -38.87 21.51
CA LEU B 156 6.11 -39.34 22.72
C LEU B 156 7.37 -38.52 22.99
N GLY B 157 7.98 -38.01 21.93
CA GLY B 157 9.12 -37.10 22.05
C GLY B 157 8.80 -35.66 22.39
N HIS B 158 7.51 -35.33 22.57
CA HIS B 158 7.10 -33.97 22.92
C HIS B 158 7.73 -32.87 22.05
N LYS B 159 7.74 -33.09 20.74
CA LYS B 159 8.35 -32.15 19.80
C LYS B 159 7.35 -31.10 19.25
N LEU B 160 6.23 -30.89 19.94
CA LEU B 160 5.15 -30.04 19.43
C LEU B 160 5.11 -28.68 20.12
N GLU B 161 4.83 -27.64 19.33
CA GLU B 161 4.67 -26.29 19.84
C GLU B 161 3.45 -26.19 20.73
N TYR B 162 3.44 -25.19 21.60
CA TYR B 162 2.27 -24.89 22.45
C TYR B 162 1.35 -23.84 21.79
N ASN B 163 0.57 -24.30 20.81
CA ASN B 163 -0.47 -23.49 20.13
C ASN B 163 -1.34 -24.41 19.27
N TYR B 164 -2.38 -23.87 18.64
CA TYR B 164 -3.25 -24.65 17.72
C TYR B 164 -3.52 -23.85 16.44
N ASN B 165 -4.07 -24.51 15.42
CA ASN B 165 -4.42 -23.83 14.17
C ASN B 165 -5.93 -23.80 13.93
N SER B 166 -6.33 -23.07 12.89
CA SER B 166 -7.70 -23.00 12.48
C SER B 166 -7.97 -24.16 11.55
N HIS B 167 -8.95 -24.97 11.89
CA HIS B 167 -9.24 -26.11 11.07
C HIS B 167 -10.67 -26.14 10.69
N ASN B 168 -10.97 -26.92 9.66
CA ASN B 168 -12.35 -27.10 9.27
C ASN B 168 -12.72 -28.52 9.62
N VAL B 169 -13.86 -28.64 10.27
CA VAL B 169 -14.38 -29.90 10.73
C VAL B 169 -15.55 -30.27 9.85
N TYR B 170 -15.42 -31.32 9.06
CA TYR B 170 -16.41 -31.59 8.02
C TYR B 170 -17.47 -32.56 8.51
N ILE B 171 -18.69 -32.04 8.57
CA ILE B 171 -19.81 -32.77 9.13
C ILE B 171 -20.74 -33.31 8.03
N MET B 172 -21.30 -34.49 8.31
CA MET B 172 -22.12 -35.22 7.35
C MET B 172 -22.98 -36.27 8.05
N ALA B 173 -24.27 -36.24 7.79
CA ALA B 173 -25.24 -37.08 8.52
C ALA B 173 -25.07 -38.59 8.26
N ASP B 174 -25.47 -39.40 9.25
CA ASP B 174 -25.37 -40.86 9.19
C ASP B 174 -26.75 -41.47 9.43
N LYS B 175 -27.56 -41.42 8.39
CA LYS B 175 -28.83 -42.11 8.36
C LYS B 175 -28.67 -43.52 8.91
N GLN B 176 -27.61 -44.20 8.45
CA GLN B 176 -27.40 -45.65 8.64
C GLN B 176 -27.41 -45.95 10.14
N LYS B 177 -26.51 -45.28 10.87
CA LYS B 177 -26.58 -45.25 12.33
C LYS B 177 -27.74 -44.28 12.69
N ASN B 178 -27.52 -43.25 13.50
CA ASN B 178 -28.58 -42.26 13.73
C ASN B 178 -27.98 -40.99 14.29
N GLY B 179 -26.81 -40.68 13.75
CA GLY B 179 -26.07 -39.47 14.10
C GLY B 179 -25.30 -38.89 12.93
N ILE B 180 -24.00 -38.65 13.11
CA ILE B 180 -23.20 -38.03 12.08
C ILE B 180 -21.79 -38.58 11.99
N LYS B 181 -21.22 -38.49 10.79
CA LYS B 181 -19.84 -38.86 10.56
C LYS B 181 -19.07 -37.57 10.38
N VAL B 182 -18.14 -37.35 11.29
CA VAL B 182 -17.32 -36.18 11.23
C VAL B 182 -15.93 -36.58 10.83
N ASN B 183 -15.23 -35.73 10.11
CA ASN B 183 -13.87 -36.00 9.69
C ASN B 183 -13.10 -34.71 9.53
N PHE B 184 -11.82 -34.73 9.89
CA PHE B 184 -10.96 -33.58 9.65
C PHE B 184 -9.49 -33.95 9.75
N LYS B 185 -8.61 -33.02 9.40
CA LYS B 185 -7.18 -33.27 9.41
C LYS B 185 -6.43 -32.19 10.20
N ILE B 186 -6.19 -32.43 11.50
CA ILE B 186 -5.54 -31.43 12.37
C ILE B 186 -4.06 -31.24 12.02
N ARG B 187 -3.60 -30.00 12.08
CA ARG B 187 -2.23 -29.65 11.74
C ARG B 187 -1.49 -29.19 12.98
N HIS B 188 -0.69 -30.08 13.57
CA HIS B 188 0.08 -29.73 14.78
C HIS B 188 1.47 -29.18 14.43
N ASN B 189 1.81 -27.98 14.91
CA ASN B 189 3.12 -27.39 14.62
C ASN B 189 4.29 -27.98 15.41
N ILE B 190 5.42 -28.18 14.75
CA ILE B 190 6.63 -28.74 15.39
C ILE B 190 7.54 -27.59 15.78
N GLU B 191 8.28 -27.75 16.88
CA GLU B 191 8.98 -26.59 17.45
C GLU B 191 9.87 -25.83 16.43
N ASP B 192 10.79 -26.52 15.75
CA ASP B 192 11.42 -25.91 14.59
C ASP B 192 10.83 -26.46 13.33
N GLY B 193 10.35 -27.70 13.37
CA GLY B 193 9.88 -28.34 12.16
C GLY B 193 8.58 -27.82 11.57
N SER B 194 8.03 -28.66 10.70
CA SER B 194 6.89 -28.26 9.93
C SER B 194 5.63 -28.54 10.73
N VAL B 195 5.05 -29.71 10.45
CA VAL B 195 3.69 -30.04 10.82
C VAL B 195 3.54 -31.55 10.97
N GLN B 196 2.97 -31.96 12.10
CA GLN B 196 2.58 -33.34 12.30
C GLN B 196 1.09 -33.38 12.04
N LEU B 197 0.65 -34.23 11.12
CA LEU B 197 -0.78 -34.32 10.79
C LEU B 197 -1.52 -35.28 11.71
N ALA B 198 -2.83 -35.30 11.58
CA ALA B 198 -3.70 -36.17 12.39
C ALA B 198 -5.06 -36.34 11.72
N ASP B 199 -5.26 -37.45 11.02
CA ASP B 199 -6.56 -37.73 10.40
C ASP B 199 -7.53 -38.13 11.49
N HIS B 200 -8.57 -37.34 11.69
CA HIS B 200 -9.60 -37.69 12.68
C HIS B 200 -10.78 -38.33 11.98
N TYR B 201 -11.14 -39.52 12.44
CA TYR B 201 -12.34 -40.21 11.99
C TYR B 201 -13.28 -40.31 13.17
N GLN B 202 -14.31 -39.47 13.15
CA GLN B 202 -15.21 -39.30 14.26
C GLN B 202 -16.60 -39.85 13.91
N GLN B 203 -17.39 -40.14 14.92
CA GLN B 203 -18.75 -40.58 14.69
C GLN B 203 -19.53 -40.30 15.95
N ASN B 204 -20.67 -39.63 15.85
CA ASN B 204 -21.44 -39.32 17.03
C ASN B 204 -22.80 -39.94 16.99
N THR B 205 -23.35 -40.19 18.16
CA THR B 205 -24.59 -40.89 18.30
C THR B 205 -25.28 -40.49 19.60
N PRO B 206 -26.61 -40.44 19.58
CA PRO B 206 -27.33 -39.91 20.70
C PRO B 206 -27.45 -40.87 21.85
N ILE B 207 -27.47 -40.32 23.05
CA ILE B 207 -27.64 -41.05 24.28
C ILE B 207 -29.11 -41.46 24.50
N GLY B 208 -29.98 -40.46 24.67
CA GLY B 208 -31.41 -40.68 24.91
C GLY B 208 -32.11 -41.26 23.68
N ASP B 209 -33.45 -41.29 23.74
CA ASP B 209 -34.26 -41.80 22.62
C ASP B 209 -34.90 -40.69 21.83
N GLY B 210 -34.74 -39.45 22.29
CA GLY B 210 -35.43 -38.32 21.70
C GLY B 210 -35.15 -38.15 20.21
N PRO B 211 -35.88 -37.25 19.55
CA PRO B 211 -35.62 -36.99 18.14
C PRO B 211 -34.54 -35.92 17.96
N VAL B 212 -33.62 -36.14 17.03
CA VAL B 212 -32.48 -35.23 16.83
C VAL B 212 -32.43 -34.74 15.39
N LEU B 213 -31.80 -33.58 15.20
CA LEU B 213 -31.63 -33.01 13.89
C LEU B 213 -30.50 -33.74 13.18
N LEU B 214 -30.73 -34.15 11.94
CA LEU B 214 -29.67 -34.69 11.08
C LEU B 214 -29.41 -33.75 9.91
N PRO B 215 -28.18 -33.22 9.80
CA PRO B 215 -27.90 -32.09 8.93
C PRO B 215 -27.41 -32.48 7.56
N ASP B 216 -27.67 -31.62 6.58
CA ASP B 216 -26.96 -31.65 5.31
C ASP B 216 -25.47 -31.45 5.54
N ASN B 217 -24.68 -31.81 4.55
CA ASN B 217 -23.25 -31.64 4.65
C ASN B 217 -22.77 -30.17 4.77
N HIS B 218 -22.15 -29.86 5.92
CA HIS B 218 -21.52 -28.57 6.19
C HIS B 218 -20.22 -28.76 6.96
N TYR B 219 -19.67 -27.69 7.52
CA TYR B 219 -18.50 -27.84 8.34
C TYR B 219 -18.41 -26.79 9.44
N LEU B 220 -17.38 -26.89 10.28
CA LEU B 220 -17.15 -25.93 11.36
C LEU B 220 -15.82 -25.22 11.20
N SER B 221 -15.75 -23.99 11.63
CA SER B 221 -14.52 -23.25 11.54
C SER B 221 -13.98 -22.92 12.94
N THR B 222 -12.88 -23.57 13.30
CA THR B 222 -12.30 -23.46 14.63
C THR B 222 -11.15 -22.49 14.75
N GLN B 223 -11.02 -21.90 15.94
CA GLN B 223 -9.93 -21.02 16.33
C GLN B 223 -9.68 -21.33 17.76
N SER B 224 -8.51 -21.86 18.07
CA SER B 224 -8.21 -22.27 19.45
C SER B 224 -6.94 -21.59 19.93
N ALA B 225 -6.89 -21.28 21.23
CA ALA B 225 -5.72 -20.62 21.82
C ALA B 225 -5.24 -21.32 23.09
N LEU B 226 -3.94 -21.59 23.12
CA LEU B 226 -3.33 -22.26 24.24
C LEU B 226 -2.57 -21.24 25.07
N SER B 227 -2.82 -21.25 26.37
CA SER B 227 -2.11 -20.37 27.28
C SER B 227 -1.79 -21.11 28.57
N LYS B 228 -0.99 -20.49 29.43
CA LYS B 228 -0.55 -21.08 30.69
C LYS B 228 -0.73 -20.09 31.84
N ASP B 229 -1.51 -20.50 32.84
CA ASP B 229 -1.61 -19.81 34.13
C ASP B 229 -0.27 -19.77 34.87
N PRO B 230 0.23 -18.56 35.19
CA PRO B 230 1.49 -18.51 35.93
C PRO B 230 1.37 -19.05 37.37
N ASN B 231 0.21 -18.92 38.00
CA ASN B 231 0.01 -19.35 39.40
C ASN B 231 -0.13 -20.86 39.59
N GLU B 232 -0.73 -21.55 38.63
CA GLU B 232 -0.88 -22.99 38.71
C GLU B 232 0.46 -23.68 38.43
N LYS B 233 0.82 -24.59 39.31
CA LYS B 233 2.11 -25.23 39.28
C LYS B 233 2.00 -26.63 38.68
N ARG B 234 0.80 -27.21 38.71
CA ARG B 234 0.56 -28.52 38.11
C ARG B 234 0.72 -28.49 36.60
N ASP B 235 0.66 -29.67 36.00
CA ASP B 235 0.61 -29.82 34.53
C ASP B 235 -0.79 -29.44 34.05
N HIS B 236 -0.92 -28.32 33.33
CA HIS B 236 -2.23 -27.81 32.93
C HIS B 236 -2.30 -27.31 31.47
N MET B 237 -3.45 -26.76 31.08
CA MET B 237 -3.62 -26.05 29.81
C MET B 237 -4.76 -25.05 29.92
N VAL B 238 -4.59 -23.87 29.34
CA VAL B 238 -5.66 -22.87 29.31
C VAL B 238 -6.15 -22.63 27.87
N LEU B 239 -7.41 -22.97 27.66
CA LEU B 239 -7.98 -23.03 26.33
C LEU B 239 -8.94 -21.90 26.07
N LEU B 240 -8.86 -21.34 24.88
CA LEU B 240 -9.84 -20.39 24.40
C LEU B 240 -10.25 -20.73 22.97
N GLU B 241 -11.46 -21.29 22.83
CA GLU B 241 -11.92 -21.77 21.53
C GLU B 241 -13.01 -20.84 20.94
N PHE B 242 -13.23 -20.99 19.63
CA PHE B 242 -14.26 -20.26 18.93
C PHE B 242 -14.71 -21.07 17.73
N VAL B 243 -15.45 -22.13 17.97
CA VAL B 243 -16.03 -22.90 16.89
C VAL B 243 -17.24 -22.16 16.34
N THR B 244 -17.30 -21.99 15.03
CA THR B 244 -18.43 -21.32 14.39
C THR B 244 -18.85 -21.98 13.05
N ALA B 245 -20.09 -22.46 12.96
CA ALA B 245 -20.50 -23.31 11.83
C ALA B 245 -20.65 -22.54 10.49
N ALA B 246 -20.36 -23.22 9.38
CA ALA B 246 -20.47 -22.63 8.05
C ALA B 246 -20.67 -23.69 7.00
N GLY B 247 -21.27 -23.30 5.89
CA GLY B 247 -21.54 -24.23 4.79
C GLY B 247 -22.84 -23.94 4.07
N ILE B 248 -23.97 -24.16 4.76
CA ILE B 248 -25.31 -23.94 4.21
C ILE B 248 -25.53 -22.47 3.87
N THR B 249 -26.38 -22.20 2.88
CA THR B 249 -26.64 -20.84 2.43
C THR B 249 -28.09 -20.70 1.98
N LEU B 250 -28.67 -19.52 2.22
CA LEU B 250 -30.14 -19.36 2.14
C LEU B 250 -30.58 -17.95 1.81
N SER C 23 37.99 24.55 8.67
CA SER C 23 36.95 23.62 9.22
C SER C 23 37.58 22.29 9.69
N LYS C 24 37.09 21.75 10.81
CA LYS C 24 37.51 20.42 11.30
C LYS C 24 37.45 19.31 10.23
N GLY C 25 36.50 19.40 9.29
CA GLY C 25 36.40 18.46 8.16
C GLY C 25 37.60 18.48 7.21
N GLU C 26 38.04 19.67 6.82
CA GLU C 26 39.13 19.79 5.86
C GLU C 26 40.41 19.10 6.32
N GLU C 27 40.60 18.98 7.64
CA GLU C 27 41.79 18.33 8.18
C GLU C 27 41.88 16.85 7.83
N LEU C 28 40.74 16.25 7.56
CA LEU C 28 40.72 14.87 7.12
C LEU C 28 41.28 14.65 5.69
N PHE C 29 41.09 15.63 4.82
CA PHE C 29 41.49 15.50 3.42
C PHE C 29 42.89 16.02 3.09
N THR C 30 43.71 16.18 4.12
CA THR C 30 45.04 16.77 3.98
C THR C 30 46.01 15.97 3.12
N GLY C 31 45.85 14.65 3.12
CA GLY C 31 46.66 13.81 2.26
C GLY C 31 45.78 13.05 1.30
N VAL C 32 46.25 11.87 0.94
CA VAL C 32 45.51 10.94 0.08
C VAL C 32 44.56 10.09 0.92
N VAL C 33 43.33 9.96 0.45
CA VAL C 33 42.34 9.28 1.21
C VAL C 33 41.71 8.23 0.34
N PRO C 34 41.61 7.01 0.86
CA PRO C 34 41.03 5.93 0.08
C PRO C 34 39.53 6.08 -0.06
N ILE C 35 39.04 5.54 -1.17
CA ILE C 35 37.68 5.80 -1.58
C ILE C 35 37.00 4.47 -1.88
N LEU C 36 35.73 4.41 -1.51
CA LEU C 36 34.95 3.24 -1.74
C LEU C 36 33.50 3.60 -2.19
N VAL C 37 33.07 2.97 -3.28
CA VAL C 37 31.82 3.30 -3.88
C VAL C 37 31.06 2.05 -4.17
N GLU C 38 29.82 2.03 -3.71
CA GLU C 38 28.98 0.88 -3.92
C GLU C 38 27.65 1.39 -4.47
N LEU C 39 27.21 0.83 -5.59
CA LEU C 39 25.96 1.26 -6.21
C LEU C 39 25.06 0.10 -6.50
N ASP C 40 23.79 0.29 -6.15
CA ASP C 40 22.71 -0.59 -6.60
C ASP C 40 21.80 0.25 -7.52
N GLY C 41 21.61 -0.26 -8.74
CA GLY C 41 20.82 0.45 -9.72
C GLY C 41 19.71 -0.40 -10.32
N ASP C 42 18.70 0.28 -10.83
CA ASP C 42 17.59 -0.35 -11.55
C ASP C 42 17.13 0.64 -12.60
N VAL C 43 17.34 0.29 -13.85
CA VAL C 43 16.98 1.17 -14.91
C VAL C 43 15.96 0.48 -15.78
N ASN C 44 14.71 0.94 -15.67
CA ASN C 44 13.58 0.37 -16.40
C ASN C 44 13.47 -1.13 -16.17
N GLY C 45 13.76 -1.59 -14.95
CA GLY C 45 13.73 -3.01 -14.63
C GLY C 45 15.10 -3.70 -14.62
N HIS C 46 16.00 -3.28 -15.50
CA HIS C 46 17.32 -3.90 -15.57
C HIS C 46 18.11 -3.63 -14.30
N LYS C 47 18.11 -4.63 -13.41
CA LYS C 47 18.82 -4.55 -12.13
C LYS C 47 20.35 -4.70 -12.34
N PHE C 48 21.15 -4.06 -11.48
CA PHE C 48 22.61 -4.19 -11.54
C PHE C 48 23.30 -3.49 -10.35
N SER C 49 24.59 -3.77 -10.18
CA SER C 49 25.34 -3.20 -9.08
C SER C 49 26.76 -2.97 -9.45
N VAL C 50 27.26 -1.82 -9.00
CA VAL C 50 28.63 -1.40 -9.28
C VAL C 50 29.38 -1.09 -8.01
N SER C 51 30.68 -1.40 -8.05
CA SER C 51 31.53 -1.21 -6.92
C SER C 51 32.89 -0.77 -7.39
N GLY C 52 33.42 0.25 -6.71
CA GLY C 52 34.64 0.93 -7.15
C GLY C 52 35.55 1.29 -6.02
N GLU C 53 36.84 1.25 -6.32
CA GLU C 53 37.86 1.40 -5.29
C GLU C 53 38.95 2.34 -5.82
N GLY C 54 39.36 3.27 -4.97
CA GLY C 54 40.42 4.20 -5.32
C GLY C 54 40.86 5.15 -4.22
N GLU C 55 41.50 6.23 -4.64
CA GLU C 55 42.10 7.15 -3.71
C GLU C 55 42.07 8.59 -4.26
N GLY C 56 41.92 9.57 -3.35
CA GLY C 56 41.75 10.94 -3.75
C GLY C 56 42.59 11.94 -2.96
N ASP C 57 43.30 12.81 -3.68
CA ASP C 57 44.13 13.87 -3.08
C ASP C 57 43.46 15.23 -3.30
N ALA C 58 42.70 15.68 -2.30
CA ALA C 58 41.99 16.97 -2.41
C ALA C 58 42.97 18.12 -2.54
N THR C 59 44.20 17.86 -2.10
CA THR C 59 45.29 18.80 -2.26
C THR C 59 45.50 19.17 -3.73
N TYR C 60 45.19 18.29 -4.68
CA TYR C 60 45.25 18.64 -6.10
C TYR C 60 43.90 18.54 -6.77
N GLY C 61 42.88 18.19 -6.00
CA GLY C 61 41.54 18.00 -6.52
C GLY C 61 41.43 16.69 -7.28
N LYS C 62 42.46 15.87 -7.17
CA LYS C 62 42.53 14.69 -8.00
C LYS C 62 41.69 13.56 -7.44
N LEU C 63 41.06 12.81 -8.34
CA LEU C 63 40.37 11.57 -8.03
C LEU C 63 40.84 10.51 -9.00
N THR C 64 41.16 9.36 -8.47
CA THR C 64 41.62 8.28 -9.31
C THR C 64 41.00 6.97 -8.78
N LEU C 65 40.18 6.33 -9.62
CA LEU C 65 39.44 5.13 -9.22
C LEU C 65 39.28 4.09 -10.33
N LYS C 66 38.76 2.92 -9.93
CA LYS C 66 38.40 1.84 -10.86
C LYS C 66 37.04 1.29 -10.47
N PHE C 67 36.08 1.33 -11.40
CA PHE C 67 34.75 0.86 -11.07
C PHE C 67 34.46 -0.33 -11.90
N ILE C 68 33.82 -1.33 -11.26
CA ILE C 68 33.52 -2.57 -11.90
C ILE C 68 32.07 -2.95 -11.63
N CYS C 69 31.43 -3.49 -12.66
CA CYS C 69 30.10 -4.08 -12.52
C CYS C 69 30.24 -5.45 -11.89
N THR C 70 29.67 -5.62 -10.70
CA THR C 70 29.68 -6.89 -9.99
C THR C 70 28.73 -7.88 -10.64
N THR C 71 27.61 -7.36 -11.11
CA THR C 71 26.59 -8.15 -11.76
C THR C 71 26.87 -8.44 -13.26
N GLY C 72 28.10 -8.75 -13.64
CA GLY C 72 28.44 -9.01 -15.03
C GLY C 72 28.42 -7.78 -15.92
N LYS C 73 27.47 -7.72 -16.85
CA LYS C 73 27.39 -6.64 -17.84
C LYS C 73 26.53 -5.46 -17.37
N LEU C 74 26.91 -4.28 -17.81
CA LEU C 74 26.20 -3.08 -17.41
C LEU C 74 25.16 -2.79 -18.48
N PRO C 75 23.93 -2.50 -18.06
CA PRO C 75 22.86 -2.22 -19.01
C PRO C 75 22.93 -0.83 -19.64
N VAL C 76 23.70 0.07 -19.03
CA VAL C 76 23.82 1.46 -19.49
C VAL C 76 25.27 1.79 -19.83
N PRO C 77 25.49 2.91 -20.51
CA PRO C 77 26.88 3.27 -20.77
C PRO C 77 27.49 3.97 -19.57
N TRP C 78 28.75 3.66 -19.34
CA TRP C 78 29.45 4.09 -18.15
C TRP C 78 29.25 5.56 -17.83
N PRO C 79 29.40 6.44 -18.84
CA PRO C 79 29.34 7.86 -18.57
C PRO C 79 28.13 8.30 -17.77
N THR C 80 26.96 7.77 -18.12
CA THR C 80 25.76 8.14 -17.38
C THR C 80 25.99 8.13 -15.88
N LEU C 81 26.70 7.10 -15.43
CA LEU C 81 26.86 6.85 -14.01
C LEU C 81 27.96 7.65 -13.33
N VAL C 82 28.94 8.11 -14.12
CA VAL C 82 30.05 8.91 -13.60
C VAL C 82 29.64 9.88 -12.50
N THR C 83 28.76 10.81 -12.85
CA THR C 83 28.31 11.80 -11.91
C THR C 83 27.79 11.18 -10.64
N THR C 84 27.05 10.10 -10.81
CA THR C 84 26.42 9.45 -9.70
C THR C 84 27.44 8.74 -8.84
N LEU C 85 28.35 8.04 -9.52
CA LEU C 85 29.48 7.43 -8.86
C LEU C 85 30.46 8.48 -8.31
N1 CRO C 86 31.29 9.55 -8.46
CA1 CRO C 86 32.17 10.70 -8.26
CB1 CRO C 86 33.17 10.74 -9.41
CG1 CRO C 86 34.29 9.75 -9.17
OG1 CRO C 86 32.48 10.37 -10.60
C1 CRO C 86 31.36 11.87 -8.38
N2 CRO C 86 31.38 12.72 -9.44
N3 CRO C 86 30.44 12.16 -7.46
C2 CRO C 86 29.83 13.23 -7.90
O2 CRO C 86 28.87 13.90 -7.33
CA2 CRO C 86 30.41 13.62 -9.18
CA3 CRO C 86 30.18 11.44 -6.23
C3 CRO C 86 30.48 12.29 -5.00
O3 CRO C 86 29.51 12.86 -4.40
CB2 CRO C 86 30.00 14.78 -10.03
CG2 CRO C 86 30.60 15.16 -11.30
CD1 CRO C 86 31.65 14.44 -11.83
CD2 CRO C 86 30.14 16.29 -11.97
CE1 CRO C 86 32.21 14.84 -13.05
CE2 CRO C 86 30.71 16.70 -13.20
CZ CRO C 86 31.75 15.96 -13.73
OH CRO C 86 32.38 16.28 -14.90
N VAL C 87 31.28 12.13 -3.82
CA VAL C 87 32.74 12.27 -3.83
C VAL C 87 32.98 13.65 -4.44
N GLN C 88 32.60 14.68 -3.68
CA GLN C 88 32.87 16.05 -4.01
C GLN C 88 33.53 16.72 -2.83
N CYS C 89 33.96 15.89 -1.89
CA CYS C 89 34.77 16.36 -0.79
C CYS C 89 36.23 16.50 -1.23
N PHE C 90 36.63 15.73 -2.25
CA PHE C 90 37.97 15.86 -2.85
C PHE C 90 38.15 17.01 -3.85
N SER C 91 37.24 17.94 -3.84
CA SER C 91 37.29 19.07 -4.74
C SER C 91 38.34 20.02 -4.24
N ARG C 92 39.16 20.55 -5.14
CA ARG C 92 40.25 21.49 -4.72
C ARG C 92 39.65 22.84 -4.47
N TYR C 93 39.30 23.13 -3.23
CA TYR C 93 38.85 24.48 -2.87
C TYR C 93 40.09 25.41 -2.60
N PRO C 94 40.21 26.53 -3.34
CA PRO C 94 41.36 27.41 -3.12
C PRO C 94 41.36 28.00 -1.74
N ASP C 95 42.49 28.57 -1.34
CA ASP C 95 42.68 29.04 0.03
C ASP C 95 41.63 30.06 0.39
N HIS C 96 41.43 31.02 -0.50
CA HIS C 96 40.46 32.06 -0.25
C HIS C 96 39.00 31.55 -0.18
N MET C 97 38.68 30.50 -0.92
CA MET C 97 37.32 29.92 -0.91
C MET C 97 37.11 28.84 0.15
N LYS C 98 38.08 28.67 1.06
CA LYS C 98 38.05 27.53 2.03
C LYS C 98 36.86 27.54 2.95
N GLN C 99 36.16 28.68 3.01
CA GLN C 99 34.97 28.81 3.83
C GLN C 99 33.73 28.22 3.17
N HIS C 100 33.84 27.70 1.95
CA HIS C 100 32.66 27.35 1.15
C HIS C 100 32.54 25.87 0.87
N ASP C 101 33.55 25.10 1.26
CA ASP C 101 33.55 23.65 1.05
C ASP C 101 32.62 23.00 2.05
N PHE C 102 31.35 22.99 1.71
CA PHE C 102 30.36 22.35 2.54
C PHE C 102 30.69 20.89 2.78
N PHE C 103 31.19 20.28 1.71
CA PHE C 103 31.33 18.83 1.68
C PHE C 103 32.32 18.43 2.76
N LYS C 104 33.49 19.03 2.72
CA LYS C 104 34.50 18.71 3.70
C LYS C 104 33.94 19.03 5.06
N SER C 105 33.37 20.22 5.21
CA SER C 105 32.86 20.65 6.51
C SER C 105 31.93 19.65 7.18
N ALA C 106 31.11 18.98 6.37
CA ALA C 106 30.14 18.01 6.88
C ALA C 106 30.77 16.72 7.41
N MET C 107 32.00 16.45 7.00
CA MET C 107 32.71 15.28 7.47
C MET C 107 33.17 15.46 8.93
N PRO C 108 33.41 14.35 9.63
CA PRO C 108 33.39 12.97 9.07
C PRO C 108 32.03 12.33 9.18
N GLU C 109 31.13 13.04 9.86
CA GLU C 109 29.72 12.61 10.09
C GLU C 109 29.09 12.30 8.73
N GLY C 110 29.41 13.14 7.74
CA GLY C 110 29.12 12.88 6.31
C GLY C 110 27.91 13.64 5.79
N TYR C 111 27.58 13.45 4.51
CA TYR C 111 26.42 14.09 3.89
C TYR C 111 25.60 13.13 3.01
N VAL C 112 24.42 13.59 2.61
CA VAL C 112 23.52 12.83 1.74
C VAL C 112 23.21 13.55 0.43
N GLN C 113 23.60 12.92 -0.68
CA GLN C 113 23.50 13.50 -2.00
C GLN C 113 22.32 12.88 -2.75
N GLU C 114 21.26 13.67 -2.91
CA GLU C 114 20.09 13.28 -3.68
C GLU C 114 20.12 13.98 -5.04
N ARG C 115 19.99 13.19 -6.11
CA ARG C 115 19.97 13.74 -7.46
C ARG C 115 18.71 13.33 -8.22
N THR C 116 18.48 13.96 -9.36
CA THR C 116 17.41 13.59 -10.28
C THR C 116 17.90 14.04 -11.62
N ILE C 117 18.12 13.09 -12.53
CA ILE C 117 18.86 13.39 -13.75
C ILE C 117 18.02 13.18 -15.00
N PHE C 118 17.47 14.24 -15.52
CA PHE C 118 16.62 14.19 -16.71
C PHE C 118 17.43 14.18 -18.01
N PHE C 119 17.39 13.07 -18.75
CA PHE C 119 18.04 13.00 -20.05
C PHE C 119 17.15 13.55 -21.19
N LYS C 120 17.75 14.43 -21.99
CA LYS C 120 17.05 15.12 -23.05
C LYS C 120 16.52 14.09 -24.01
N ASP C 121 15.20 14.07 -24.19
CA ASP C 121 14.54 13.15 -25.15
C ASP C 121 14.85 11.71 -24.79
N ASP C 122 14.75 11.42 -23.50
CA ASP C 122 15.00 10.07 -23.01
C ASP C 122 14.60 10.06 -21.54
N GLY C 123 15.01 9.01 -20.84
CA GLY C 123 14.54 8.79 -19.49
C GLY C 123 15.11 9.69 -18.41
N ASN C 124 15.14 9.15 -17.20
CA ASN C 124 15.63 9.86 -16.03
C ASN C 124 16.00 8.97 -14.86
N TYR C 125 17.03 9.37 -14.12
CA TYR C 125 17.40 8.70 -12.90
C TYR C 125 16.89 9.42 -11.63
N LYS C 126 16.92 8.68 -10.53
CA LYS C 126 16.72 9.23 -9.19
C LYS C 126 17.81 8.53 -8.40
N THR C 127 18.56 9.25 -7.57
CA THR C 127 19.63 8.63 -6.80
C THR C 127 19.62 9.13 -5.37
N ARG C 128 20.15 8.28 -4.50
CA ARG C 128 20.36 8.64 -3.10
C ARG C 128 21.68 8.02 -2.66
N ALA C 129 22.63 8.90 -2.33
CA ALA C 129 23.95 8.47 -1.93
C ALA C 129 24.13 8.85 -0.48
N GLU C 130 24.96 8.07 0.21
CA GLU C 130 25.38 8.38 1.58
C GLU C 130 26.88 8.47 1.60
N VAL C 131 27.39 9.69 1.58
CA VAL C 131 28.84 9.90 1.50
C VAL C 131 29.33 10.22 2.89
N LYS C 132 30.19 9.35 3.40
CA LYS C 132 30.73 9.52 4.75
C LYS C 132 32.03 8.75 4.90
N PHE C 133 32.64 8.96 6.06
CA PHE C 133 33.90 8.34 6.42
C PHE C 133 33.67 7.08 7.23
N GLU C 134 34.22 5.96 6.77
CA GLU C 134 34.13 4.70 7.51
C GLU C 134 35.51 4.31 7.97
N GLY C 135 35.71 4.48 9.27
CA GLY C 135 37.02 4.33 9.85
C GLY C 135 37.79 5.50 9.32
N ASP C 136 38.49 5.27 8.23
CA ASP C 136 39.27 6.32 7.60
C ASP C 136 39.26 6.16 6.07
N THR C 137 38.28 5.43 5.58
CA THR C 137 38.04 5.31 4.14
C THR C 137 36.79 6.09 3.80
N LEU C 138 36.86 6.90 2.74
CA LEU C 138 35.70 7.66 2.29
C LEU C 138 34.79 6.71 1.55
N VAL C 139 33.52 6.69 1.92
CA VAL C 139 32.61 5.70 1.40
C VAL C 139 31.38 6.36 0.87
N ASN C 140 31.02 5.93 -0.34
CA ASN C 140 29.84 6.40 -1.05
C ASN C 140 28.92 5.20 -1.33
N ARG C 141 27.69 5.29 -0.81
CA ARG C 141 26.69 4.25 -0.97
C ARG C 141 25.55 4.87 -1.73
N ILE C 142 25.33 4.42 -2.97
CA ILE C 142 24.30 4.99 -3.79
C ILE C 142 23.19 3.99 -4.02
N GLU C 143 22.01 4.52 -4.32
CA GLU C 143 20.84 3.71 -4.64
C GLU C 143 20.08 4.33 -5.85
N LEU C 144 20.27 3.78 -7.05
CA LEU C 144 19.71 4.39 -8.29
C LEU C 144 18.42 3.78 -8.85
N LYS C 145 17.55 4.62 -9.42
CA LYS C 145 16.28 4.17 -10.02
C LYS C 145 16.00 4.88 -11.36
N GLY C 146 16.18 4.16 -12.46
CA GLY C 146 15.89 4.72 -13.80
C GLY C 146 14.53 4.36 -14.38
N ILE C 147 13.86 5.33 -14.99
CA ILE C 147 12.58 5.11 -15.67
C ILE C 147 12.42 5.89 -16.98
N ASP C 148 11.44 5.49 -17.78
CA ASP C 148 11.07 6.17 -19.02
C ASP C 148 12.10 6.07 -20.12
N PHE C 149 13.17 5.32 -19.89
CA PHE C 149 14.24 5.30 -20.87
C PHE C 149 13.81 4.57 -22.13
N LYS C 150 14.06 5.20 -23.27
CA LYS C 150 13.75 4.66 -24.59
C LYS C 150 14.70 3.51 -24.93
N GLU C 151 14.16 2.44 -25.49
CA GLU C 151 14.91 1.20 -25.73
C GLU C 151 15.90 1.32 -26.90
N ASP C 152 15.51 2.08 -27.92
CA ASP C 152 16.42 2.53 -28.96
C ASP C 152 16.86 3.96 -28.64
N GLY C 153 16.86 4.30 -27.36
CA GLY C 153 17.45 5.55 -26.90
C GLY C 153 18.95 5.43 -26.93
N ASN C 154 19.62 6.52 -26.58
CA ASN C 154 21.07 6.55 -26.55
C ASN C 154 21.59 5.82 -25.35
N ILE C 155 20.78 5.86 -24.29
CA ILE C 155 21.18 5.32 -23.01
C ILE C 155 21.13 3.81 -23.13
N LEU C 156 19.93 3.30 -23.39
CA LEU C 156 19.71 1.85 -23.43
C LEU C 156 20.36 1.30 -24.68
N GLY C 157 20.45 2.13 -25.71
CA GLY C 157 21.11 1.75 -26.94
C GLY C 157 22.62 1.88 -26.91
N HIS C 158 23.20 2.27 -25.80
CA HIS C 158 24.65 2.40 -25.69
C HIS C 158 25.33 3.18 -26.84
N LYS C 159 24.74 4.31 -27.23
CA LYS C 159 25.24 5.10 -28.35
C LYS C 159 26.23 6.21 -27.93
N LEU C 160 26.81 6.08 -26.74
CA LEU C 160 27.65 7.12 -26.17
C LEU C 160 29.13 6.78 -26.26
N GLU C 161 29.93 7.79 -26.57
CA GLU C 161 31.36 7.65 -26.59
C GLU C 161 31.91 7.35 -25.21
N TYR C 162 33.09 6.74 -25.17
CA TYR C 162 33.81 6.50 -23.94
C TYR C 162 34.79 7.67 -23.63
N ASN C 163 34.23 8.77 -23.14
CA ASN C 163 34.99 9.91 -22.64
C ASN C 163 34.05 10.87 -21.90
N TYR C 164 34.58 11.92 -21.29
CA TYR C 164 33.76 12.91 -20.60
C TYR C 164 34.23 14.34 -20.96
N ASN C 165 33.44 15.34 -20.60
CA ASN C 165 33.80 16.72 -20.88
C ASN C 165 34.04 17.52 -19.59
N SER C 166 34.53 18.73 -19.74
CA SER C 166 34.69 19.61 -18.62
C SER C 166 33.37 20.28 -18.40
N HIS C 167 32.87 20.22 -17.18
CA HIS C 167 31.61 20.89 -16.93
C HIS C 167 31.73 21.78 -15.77
N ASN C 168 30.75 22.68 -15.62
CA ASN C 168 30.71 23.51 -14.42
C ASN C 168 29.53 23.09 -13.58
N VAL C 169 29.81 22.89 -12.29
CA VAL C 169 28.85 22.43 -11.32
C VAL C 169 28.45 23.59 -10.45
N TYR C 170 27.20 24.04 -10.55
CA TYR C 170 26.83 25.32 -9.96
C TYR C 170 26.23 25.12 -8.58
N ILE C 171 26.94 25.64 -7.60
CA ILE C 171 26.61 25.41 -6.21
C ILE C 171 25.95 26.64 -5.57
N MET C 172 25.03 26.39 -4.64
CA MET C 172 24.19 27.43 -4.07
C MET C 172 23.53 26.93 -2.79
N ALA C 173 23.69 27.70 -1.74
CA ALA C 173 23.27 27.26 -0.40
C ALA C 173 21.75 27.12 -0.27
N ASP C 174 21.32 26.22 0.64
CA ASP C 174 19.89 25.96 0.90
C ASP C 174 19.67 26.20 2.38
N LYS C 175 19.69 27.48 2.75
CA LYS C 175 19.65 27.81 4.17
C LYS C 175 18.44 27.10 4.78
N GLN C 176 17.33 27.08 4.05
CA GLN C 176 16.04 26.56 4.51
C GLN C 176 16.19 25.12 4.98
N LYS C 177 16.72 24.26 4.12
CA LYS C 177 17.17 22.96 4.56
C LYS C 177 18.45 23.27 5.36
N ASN C 178 19.57 22.60 5.09
CA ASN C 178 20.80 22.96 5.79
C ASN C 178 21.99 22.45 5.02
N GLY C 179 22.01 22.76 3.74
CA GLY C 179 22.98 22.19 2.83
C GLY C 179 22.97 23.01 1.57
N ILE C 180 22.98 22.34 0.40
CA ILE C 180 23.19 23.04 -0.87
C ILE C 180 22.36 22.47 -2.01
N LYS C 181 21.97 23.35 -2.92
CA LYS C 181 21.28 22.94 -4.12
C LYS C 181 22.29 23.05 -5.22
N VAL C 182 22.61 21.93 -5.82
CA VAL C 182 23.57 21.89 -6.87
C VAL C 182 22.84 21.62 -8.16
N ASN C 183 23.34 22.17 -9.25
CA ASN C 183 22.72 21.95 -10.54
C ASN C 183 23.76 22.04 -11.64
N PHE C 184 23.62 21.19 -12.67
CA PHE C 184 24.48 21.29 -13.83
C PHE C 184 23.91 20.58 -15.02
N LYS C 185 24.53 20.74 -16.19
CA LYS C 185 24.02 20.15 -17.42
C LYS C 185 25.09 19.36 -18.16
N ILE C 186 25.19 18.06 -17.91
CA ILE C 186 26.29 17.24 -18.47
C ILE C 186 26.11 17.04 -19.97
N ARG C 187 27.21 17.08 -20.71
CA ARG C 187 27.20 16.91 -22.15
C ARG C 187 27.85 15.62 -22.56
N HIS C 188 27.04 14.60 -22.88
CA HIS C 188 27.55 13.26 -23.26
C HIS C 188 27.69 13.13 -24.78
N ASN C 189 28.89 12.81 -25.24
CA ASN C 189 29.13 12.72 -26.68
C ASN C 189 28.57 11.46 -27.31
N ILE C 190 27.96 11.60 -28.48
CA ILE C 190 27.37 10.48 -29.18
C ILE C 190 28.38 9.93 -30.13
N GLU C 191 28.38 8.62 -30.28
CA GLU C 191 29.45 7.86 -30.89
C GLU C 191 29.55 8.34 -32.29
N ASP C 192 28.44 8.82 -32.83
CA ASP C 192 28.53 9.46 -34.13
C ASP C 192 27.93 10.84 -34.16
N GLY C 193 26.76 10.91 -33.57
CA GLY C 193 26.09 12.17 -33.38
C GLY C 193 26.73 13.26 -32.53
N SER C 194 25.85 14.13 -32.10
CA SER C 194 26.25 15.31 -31.42
C SER C 194 26.46 15.02 -29.95
N VAL C 195 25.39 15.27 -29.17
CA VAL C 195 25.45 15.41 -27.73
C VAL C 195 24.11 14.99 -27.11
N GLN C 196 24.14 14.13 -26.13
CA GLN C 196 22.97 13.83 -25.32
C GLN C 196 23.15 14.63 -24.07
N LEU C 197 22.17 15.45 -23.74
CA LEU C 197 22.28 16.25 -22.53
C LEU C 197 21.78 15.49 -21.29
N ALA C 198 21.97 16.12 -20.12
CA ALA C 198 21.52 15.55 -18.83
C ALA C 198 21.40 16.65 -17.79
N ASP C 199 20.19 17.12 -17.53
CA ASP C 199 20.01 18.09 -16.49
C ASP C 199 20.16 17.42 -15.15
N HIS C 200 21.14 17.81 -14.34
CA HIS C 200 21.28 17.27 -13.00
C HIS C 200 20.72 18.24 -11.98
N TYR C 201 19.78 17.75 -11.18
CA TYR C 201 19.22 18.49 -10.11
C TYR C 201 19.62 17.76 -8.83
N GLN C 202 20.54 18.37 -8.11
CA GLN C 202 21.14 17.77 -6.93
C GLN C 202 20.77 18.51 -5.65
N GLN C 203 20.92 17.85 -4.52
CA GLN C 203 20.66 18.51 -3.25
C GLN C 203 21.39 17.74 -2.21
N ASN C 204 22.18 18.42 -1.39
CA ASN C 204 22.93 17.73 -0.35
C ASN C 204 22.55 18.18 1.03
N THR C 205 22.71 17.28 2.00
CA THR C 205 22.29 17.52 3.37
C THR C 205 23.10 16.69 4.34
N PRO C 206 23.36 17.24 5.51
CA PRO C 206 24.31 16.63 6.39
C PRO C 206 23.72 15.49 7.14
N ILE C 207 24.56 14.50 7.40
CA ILE C 207 24.22 13.32 8.16
C ILE C 207 24.15 13.66 9.66
N GLY C 208 25.28 14.05 10.24
CA GLY C 208 25.38 14.37 11.67
C GLY C 208 24.63 15.64 12.01
N ASP C 209 24.84 16.15 13.21
CA ASP C 209 24.21 17.42 13.62
C ASP C 209 25.19 18.57 13.79
N GLY C 210 26.46 18.31 13.53
CA GLY C 210 27.51 19.32 13.67
C GLY C 210 27.19 20.57 12.87
N PRO C 211 27.98 21.64 13.05
CA PRO C 211 27.79 22.87 12.25
C PRO C 211 28.58 22.81 10.94
N VAL C 212 27.96 23.21 9.84
CA VAL C 212 28.57 23.06 8.50
C VAL C 212 28.61 24.39 7.81
N LEU C 213 29.54 24.53 6.88
CA LEU C 213 29.68 25.76 6.14
C LEU C 213 28.61 25.83 5.07
N LEU C 214 27.92 26.97 4.96
CA LEU C 214 26.99 27.20 3.84
C LEU C 214 27.48 28.34 2.98
N PRO C 215 27.71 28.06 1.68
CA PRO C 215 28.50 28.95 0.85
C PRO C 215 27.67 29.90 0.05
N ASP C 216 28.25 31.05 -0.27
CA ASP C 216 27.74 31.89 -1.37
C ASP C 216 27.76 31.12 -2.68
N ASN C 217 27.01 31.61 -3.65
CA ASN C 217 26.97 30.98 -4.97
C ASN C 217 28.33 30.98 -5.71
N HIS C 218 28.86 29.78 -5.92
CA HIS C 218 30.05 29.54 -6.75
C HIS C 218 29.86 28.31 -7.60
N TYR C 219 30.92 27.82 -8.21
CA TYR C 219 30.81 26.57 -8.99
C TYR C 219 32.08 25.75 -8.97
N LEU C 220 32.04 24.57 -9.59
CA LEU C 220 33.20 23.71 -9.64
C LEU C 220 33.61 23.45 -11.09
N SER C 221 34.89 23.29 -11.33
CA SER C 221 35.33 23.06 -12.65
C SER C 221 35.92 21.66 -12.73
N THR C 222 35.21 20.80 -13.45
CA THR C 222 35.58 19.39 -13.59
C THR C 222 36.34 19.03 -14.87
N GLN C 223 37.20 18.03 -14.73
CA GLN C 223 37.95 17.43 -15.82
C GLN C 223 37.97 15.99 -15.51
N SER C 224 37.36 15.17 -16.36
CA SER C 224 37.32 13.74 -16.11
C SER C 224 37.87 12.95 -17.30
N ALA C 225 38.50 11.82 -17.01
CA ALA C 225 39.10 10.98 -18.05
C ALA C 225 38.69 9.52 -17.87
N LEU C 226 38.20 8.94 -18.96
CA LEU C 226 37.79 7.56 -19.00
C LEU C 226 38.86 6.73 -19.70
N SER C 227 39.27 5.66 -19.04
CA SER C 227 40.26 4.79 -19.62
C SER C 227 39.87 3.37 -19.31
N LYS C 228 40.60 2.42 -19.93
CA LYS C 228 40.34 1.01 -19.77
C LYS C 228 41.63 0.27 -19.49
N ASP C 229 41.66 -0.44 -18.36
CA ASP C 229 42.72 -1.40 -18.03
C ASP C 229 42.75 -2.58 -19.01
N PRO C 230 43.90 -2.79 -19.67
CA PRO C 230 43.94 -3.89 -20.60
C PRO C 230 43.84 -5.26 -19.90
N ASN C 231 44.34 -5.37 -18.68
CA ASN C 231 44.40 -6.67 -17.98
C ASN C 231 43.06 -7.12 -17.42
N GLU C 232 42.25 -6.16 -17.01
CA GLU C 232 40.95 -6.48 -16.46
C GLU C 232 39.99 -6.85 -17.59
N LYS C 233 39.32 -7.97 -17.39
CA LYS C 233 38.47 -8.54 -18.41
C LYS C 233 37.01 -8.29 -18.08
N ARG C 234 36.69 -7.99 -16.82
CA ARG C 234 35.33 -7.64 -16.42
C ARG C 234 34.88 -6.33 -17.09
N ASP C 235 33.59 -6.01 -16.92
CA ASP C 235 33.03 -4.74 -17.37
C ASP C 235 33.47 -3.69 -16.35
N HIS C 236 34.35 -2.79 -16.77
CA HIS C 236 34.93 -1.82 -15.81
C HIS C 236 34.99 -0.37 -16.34
N MET C 237 35.59 0.52 -15.54
CA MET C 237 35.89 1.88 -15.96
C MET C 237 37.03 2.42 -15.12
N VAL C 238 37.95 3.12 -15.77
CA VAL C 238 39.04 3.76 -15.07
C VAL C 238 38.88 5.29 -15.17
N LEU C 239 38.71 5.90 -13.98
CA LEU C 239 38.39 7.29 -13.88
C LEU C 239 39.55 8.12 -13.38
N LEU C 240 39.75 9.28 -13.99
CA LEU C 240 40.70 10.24 -13.50
C LEU C 240 40.07 11.63 -13.49
N GLU C 241 39.73 12.11 -12.30
CA GLU C 241 39.01 13.37 -12.17
C GLU C 241 39.92 14.48 -11.63
N PHE C 242 39.46 15.72 -11.77
CA PHE C 242 40.12 16.88 -11.21
C PHE C 242 39.13 18.01 -10.99
N VAL C 243 38.33 17.87 -9.96
CA VAL C 243 37.43 18.92 -9.59
C VAL C 243 38.18 20.00 -8.86
N THR C 244 37.96 21.24 -9.27
CA THR C 244 38.60 22.37 -8.62
C THR C 244 37.64 23.57 -8.50
N ALA C 245 37.38 24.06 -7.30
CA ALA C 245 36.34 25.10 -7.10
C ALA C 245 36.74 26.52 -7.58
N ALA C 246 35.73 27.28 -8.02
CA ALA C 246 35.95 28.64 -8.55
C ALA C 246 34.70 29.45 -8.46
N GLY C 247 34.86 30.77 -8.43
CA GLY C 247 33.72 31.67 -8.33
C GLY C 247 34.02 32.88 -7.49
N ILE C 248 34.19 32.67 -6.20
CA ILE C 248 34.45 33.75 -5.25
C ILE C 248 35.79 34.43 -5.57
N THR C 249 35.94 35.69 -5.21
CA THR C 249 37.14 36.44 -5.47
C THR C 249 37.38 37.46 -4.35
N LEU C 250 38.64 37.71 -4.03
CA LEU C 250 38.97 38.42 -2.77
C LEU C 250 40.26 39.21 -2.86
N HIS D 9 -18.84 -15.12 4.56
CA HIS D 9 -17.40 -14.81 4.84
C HIS D 9 -17.07 -15.02 6.33
N HIS D 10 -15.81 -14.82 6.70
CA HIS D 10 -15.35 -15.18 8.06
C HIS D 10 -15.09 -13.99 8.96
N THR D 11 -15.57 -14.09 10.20
CA THR D 11 -15.48 -13.00 11.17
C THR D 11 -14.80 -13.42 12.46
N ASP D 12 -13.75 -12.70 12.83
CA ASP D 12 -12.89 -13.11 13.91
C ASP D 12 -13.58 -12.93 15.26
N PRO D 13 -14.22 -13.98 15.78
CA PRO D 13 -15.03 -13.80 17.00
C PRO D 13 -14.34 -13.14 18.20
N GLU D 14 -13.02 -13.26 18.30
CA GLU D 14 -12.30 -12.58 19.35
C GLU D 14 -12.56 -11.06 19.25
N LYS D 15 -12.35 -10.50 18.07
CA LYS D 15 -12.53 -9.05 17.86
C LYS D 15 -14.00 -8.67 17.96
N VAL D 16 -14.86 -9.54 17.45
CA VAL D 16 -16.27 -9.22 17.42
C VAL D 16 -16.70 -8.97 18.87
N GLU D 17 -16.43 -9.92 19.77
CA GLU D 17 -16.72 -9.75 21.19
C GLU D 17 -16.13 -8.42 21.67
N MET D 18 -14.82 -8.33 21.66
CA MET D 18 -14.13 -7.12 22.10
C MET D 18 -14.87 -5.85 21.73
N TYR D 19 -15.19 -5.71 20.44
CA TYR D 19 -15.71 -4.44 19.95
C TYR D 19 -17.15 -4.19 20.37
N ILE D 20 -17.97 -5.22 20.39
CA ILE D 20 -19.35 -5.11 20.90
C ILE D 20 -19.33 -4.72 22.38
N LYS D 21 -18.42 -5.32 23.14
CA LYS D 21 -18.21 -4.92 24.52
C LYS D 21 -17.80 -3.45 24.53
N ASN D 22 -16.65 -3.16 23.94
CA ASN D 22 -16.12 -1.78 23.87
C ASN D 22 -17.15 -0.72 23.51
N LEU D 23 -18.25 -1.16 22.93
CA LEU D 23 -19.33 -0.28 22.57
C LEU D 23 -19.95 0.42 23.79
N GLN D 24 -19.73 -0.14 24.99
CA GLN D 24 -20.15 0.47 26.24
C GLN D 24 -18.94 0.82 27.07
N ASP D 25 -17.94 1.39 26.43
CA ASP D 25 -16.79 1.86 27.16
C ASP D 25 -17.03 3.29 27.61
N ASP D 26 -16.32 3.66 28.67
CA ASP D 26 -16.41 4.98 29.32
C ASP D 26 -15.93 6.06 28.37
N SER D 27 -14.81 5.78 27.71
CA SER D 27 -14.24 6.67 26.71
C SER D 27 -15.05 6.63 25.43
N MET D 28 -15.34 7.80 24.87
CA MET D 28 -16.09 7.84 23.62
C MET D 28 -15.22 7.43 22.43
N ARG D 29 -13.98 7.89 22.37
CA ARG D 29 -13.16 7.47 21.20
C ARG D 29 -13.07 5.95 21.12
N VAL D 30 -13.21 5.27 22.24
CA VAL D 30 -13.19 3.83 22.23
C VAL D 30 -14.44 3.37 21.53
N ARG D 31 -15.58 3.70 22.09
CA ARG D 31 -16.81 3.21 21.49
C ARG D 31 -17.02 3.75 20.06
N TYR D 32 -16.37 4.86 19.68
CA TYR D 32 -16.37 5.30 18.27
C TYR D 32 -15.64 4.34 17.36
N ASN D 33 -14.44 3.96 17.80
CA ASN D 33 -13.67 2.95 17.09
C ASN D 33 -14.36 1.58 17.00
N ALA D 34 -14.99 1.16 18.09
CA ALA D 34 -15.73 -0.09 18.08
C ALA D 34 -16.82 -0.08 17.01
N ALA D 35 -17.41 1.08 16.74
CA ALA D 35 -18.45 1.16 15.70
C ALA D 35 -17.85 0.91 14.33
N THR D 36 -16.84 1.70 13.99
CA THR D 36 -16.22 1.59 12.70
C THR D 36 -15.83 0.13 12.53
N ALA D 37 -15.12 -0.42 13.52
CA ALA D 37 -14.63 -1.81 13.45
C ALA D 37 -15.74 -2.79 13.07
N LEU D 38 -16.81 -2.76 13.85
CA LEU D 38 -17.86 -3.73 13.67
C LEU D 38 -18.56 -3.58 12.31
N GLY D 39 -18.54 -2.37 11.76
CA GLY D 39 -19.10 -2.14 10.45
C GLY D 39 -18.28 -2.88 9.41
N LYS D 40 -16.97 -2.69 9.47
CA LYS D 40 -16.09 -3.32 8.49
C LYS D 40 -16.22 -4.82 8.62
N ILE D 41 -16.13 -5.30 9.86
CA ILE D 41 -16.17 -6.73 10.16
C ILE D 41 -17.41 -7.40 9.59
N GLY D 42 -18.54 -6.70 9.74
CA GLY D 42 -19.80 -7.19 9.20
C GLY D 42 -20.30 -8.46 9.85
N ASP D 43 -20.51 -8.45 11.17
CA ASP D 43 -21.09 -9.60 11.83
C ASP D 43 -22.48 -9.31 12.36
N GLU D 44 -23.41 -10.27 12.14
CA GLU D 44 -24.82 -10.16 12.57
C GLU D 44 -24.95 -9.86 14.07
N ARG D 45 -24.03 -10.36 14.86
CA ARG D 45 -24.08 -10.15 16.31
C ARG D 45 -23.89 -8.70 16.74
N ALA D 46 -23.36 -7.88 15.87
CA ALA D 46 -23.17 -6.49 16.17
C ALA D 46 -24.38 -5.58 15.83
N VAL D 47 -25.38 -6.11 15.14
CA VAL D 47 -26.49 -5.28 14.68
C VAL D 47 -27.30 -4.77 15.87
N GLU D 48 -27.71 -5.69 16.74
CA GLU D 48 -28.52 -5.30 17.87
C GLU D 48 -27.76 -4.29 18.67
N PRO D 49 -26.54 -4.63 19.10
CA PRO D 49 -25.81 -3.64 19.91
C PRO D 49 -25.64 -2.28 19.26
N LEU D 50 -25.57 -2.25 17.94
CA LEU D 50 -25.37 -1.01 17.24
C LEU D 50 -26.65 -0.15 17.19
N ILE D 51 -27.81 -0.76 17.14
CA ILE D 51 -29.02 0.04 17.21
C ILE D 51 -29.07 0.71 18.60
N LYS D 52 -28.64 0.02 19.66
CA LYS D 52 -28.63 0.62 21.00
C LYS D 52 -27.51 1.65 21.13
N ALA D 53 -26.51 1.55 20.28
CA ALA D 53 -25.49 2.59 20.19
C ALA D 53 -26.02 3.80 19.46
N LEU D 54 -27.08 3.56 18.69
CA LEU D 54 -27.74 4.61 17.92
C LEU D 54 -28.37 5.68 18.86
N LYS D 55 -28.61 5.31 20.11
CA LYS D 55 -29.13 6.24 21.09
C LYS D 55 -28.05 6.73 22.02
N ASP D 56 -26.78 6.68 21.60
CA ASP D 56 -25.64 6.97 22.49
C ASP D 56 -25.65 8.40 22.97
N GLU D 57 -25.25 8.61 24.20
CA GLU D 57 -25.15 9.96 24.77
C GLU D 57 -24.32 10.87 23.89
N ASP D 58 -23.26 10.33 23.29
CA ASP D 58 -22.39 11.10 22.39
C ASP D 58 -22.88 11.05 20.95
N GLY D 59 -22.70 12.16 20.24
CA GLY D 59 -23.24 12.32 18.88
C GLY D 59 -22.38 11.66 17.81
N TYR D 60 -21.08 11.86 17.93
CA TYR D 60 -20.12 11.26 17.01
C TYR D 60 -20.19 9.73 17.05
N VAL D 61 -20.47 9.19 18.22
CA VAL D 61 -20.60 7.78 18.39
C VAL D 61 -21.88 7.30 17.75
N ARG D 62 -22.98 8.00 18.00
CA ARG D 62 -24.26 7.72 17.32
C ARG D 62 -24.06 7.68 15.80
N LEU D 63 -23.25 8.62 15.36
CA LEU D 63 -22.99 8.83 13.97
C LEU D 63 -22.36 7.64 13.27
N GLU D 64 -21.33 7.06 13.86
CA GLU D 64 -20.65 5.93 13.22
C GLU D 64 -21.55 4.73 13.22
N ALA D 65 -21.97 4.37 14.43
CA ALA D 65 -22.94 3.32 14.62
C ALA D 65 -23.94 3.30 13.50
N ALA D 66 -24.30 4.47 12.98
CA ALA D 66 -25.24 4.54 11.86
C ALA D 66 -24.63 3.95 10.60
N GLU D 67 -23.47 4.46 10.19
CA GLU D 67 -22.89 4.04 8.90
C GLU D 67 -22.46 2.62 9.10
N ALA D 68 -22.01 2.29 10.31
CA ALA D 68 -21.66 0.91 10.67
C ALA D 68 -22.76 -0.05 10.34
N LEU D 69 -23.99 0.31 10.70
CA LEU D 69 -25.17 -0.51 10.39
C LEU D 69 -25.50 -0.57 8.90
N GLY D 70 -25.14 0.52 8.21
CA GLY D 70 -25.19 0.59 6.76
C GLY D 70 -24.23 -0.40 6.13
N GLU D 71 -23.02 -0.46 6.65
CA GLU D 71 -22.02 -1.36 6.10
C GLU D 71 -22.47 -2.77 6.29
N ILE D 72 -22.94 -3.09 7.48
CA ILE D 72 -23.36 -4.45 7.75
C ILE D 72 -24.55 -4.83 6.87
N GLY D 73 -25.35 -3.84 6.50
CA GLY D 73 -26.40 -4.06 5.49
C GLY D 73 -27.57 -4.93 5.93
N ASP D 74 -27.77 -5.12 7.25
CA ASP D 74 -28.86 -5.98 7.73
C ASP D 74 -30.18 -5.23 7.70
N GLU D 75 -31.21 -5.88 7.15
CA GLU D 75 -32.55 -5.28 7.06
C GLU D 75 -33.21 -4.99 8.43
N ARG D 76 -32.72 -5.60 9.49
CA ARG D 76 -33.19 -5.27 10.83
C ARG D 76 -33.07 -3.79 11.17
N ALA D 77 -31.95 -3.18 10.83
CA ALA D 77 -31.69 -1.80 11.24
C ALA D 77 -32.40 -0.73 10.40
N VAL D 78 -33.20 -1.15 9.42
CA VAL D 78 -33.83 -0.19 8.53
C VAL D 78 -34.71 0.76 9.32
N GLU D 79 -35.61 0.21 10.10
CA GLU D 79 -36.49 1.04 10.86
C GLU D 79 -35.70 1.96 11.79
N PRO D 80 -34.85 1.39 12.67
CA PRO D 80 -34.13 2.25 13.61
C PRO D 80 -33.37 3.35 12.91
N LEU D 81 -32.89 3.07 11.71
CA LEU D 81 -32.21 4.08 10.92
C LEU D 81 -33.20 5.16 10.46
N ILE D 82 -34.36 4.74 10.00
CA ILE D 82 -35.35 5.71 9.60
C ILE D 82 -35.65 6.68 10.76
N LYS D 83 -35.69 6.15 11.97
CA LYS D 83 -35.92 6.97 13.17
C LYS D 83 -34.71 7.85 13.45
N ALA D 84 -33.53 7.32 13.15
CA ALA D 84 -32.29 8.03 13.33
C ALA D 84 -32.10 9.15 12.31
N LEU D 85 -32.81 9.10 11.18
CA LEU D 85 -32.89 10.25 10.29
C LEU D 85 -33.41 11.53 10.98
N LYS D 86 -34.24 11.35 12.01
CA LYS D 86 -34.86 12.47 12.72
C LYS D 86 -33.99 12.99 13.86
N ASP D 87 -32.76 12.48 13.99
CA ASP D 87 -31.88 12.86 15.07
C ASP D 87 -31.64 14.38 15.08
N GLU D 88 -31.45 14.90 16.28
CA GLU D 88 -31.18 16.31 16.50
C GLU D 88 -29.99 16.69 15.64
N ASP D 89 -28.87 16.04 15.90
CA ASP D 89 -27.62 16.28 15.19
C ASP D 89 -27.80 15.99 13.70
N PRO D 90 -27.35 16.92 12.84
CA PRO D 90 -27.56 16.72 11.42
C PRO D 90 -26.57 15.70 10.84
N ASP D 91 -25.33 15.78 11.33
CA ASP D 91 -24.25 14.91 10.87
C ASP D 91 -24.63 13.46 11.09
N VAL D 92 -25.29 13.21 12.21
CA VAL D 92 -25.74 11.87 12.51
C VAL D 92 -26.87 11.51 11.54
N ARG D 93 -27.77 12.45 11.30
CA ARG D 93 -28.86 12.11 10.45
C ARG D 93 -28.40 12.01 8.99
N SER D 94 -27.26 12.60 8.67
CA SER D 94 -26.77 12.44 7.32
C SER D 94 -26.30 11.01 7.11
N GLU D 95 -25.45 10.55 8.03
CA GLU D 95 -24.84 9.24 7.86
C GLU D 95 -25.88 8.15 7.95
N ALA D 96 -26.97 8.46 8.64
CA ALA D 96 -28.12 7.57 8.66
C ALA D 96 -28.76 7.45 7.28
N ALA D 97 -28.79 8.54 6.54
CA ALA D 97 -29.32 8.50 5.19
C ALA D 97 -28.48 7.59 4.36
N LEU D 98 -27.19 7.91 4.30
CA LEU D 98 -26.21 7.14 3.54
C LEU D 98 -26.33 5.63 3.81
N ALA D 99 -26.31 5.30 5.10
CA ALA D 99 -26.55 3.93 5.56
C ALA D 99 -27.78 3.29 4.91
N LEU D 100 -28.91 4.00 4.89
CA LEU D 100 -30.17 3.46 4.32
C LEU D 100 -30.16 3.21 2.80
N GLY D 101 -29.35 3.99 2.09
CA GLY D 101 -29.16 3.79 0.68
C GLY D 101 -28.30 2.58 0.42
N LYS D 102 -27.40 2.29 1.38
CA LYS D 102 -26.55 1.10 1.28
C LYS D 102 -27.41 -0.15 1.39
N ILE D 103 -28.19 -0.24 2.46
CA ILE D 103 -29.03 -1.42 2.68
C ILE D 103 -29.94 -1.70 1.48
N GLY D 104 -30.40 -0.63 0.83
CA GLY D 104 -31.20 -0.75 -0.38
C GLY D 104 -32.64 -1.11 -0.12
N ASP D 105 -33.18 -0.85 1.07
CA ASP D 105 -34.58 -1.19 1.35
C ASP D 105 -35.52 -0.13 0.75
N GLU D 106 -36.64 -0.56 0.19
CA GLU D 106 -37.62 0.38 -0.37
C GLU D 106 -38.28 1.21 0.74
N ARG D 107 -38.39 0.62 1.93
CA ARG D 107 -39.02 1.30 3.09
C ARG D 107 -38.37 2.62 3.50
N ALA D 108 -37.16 2.87 3.02
CA ALA D 108 -36.55 4.15 3.28
C ALA D 108 -36.79 5.19 2.18
N VAL D 109 -37.49 4.83 1.10
CA VAL D 109 -37.67 5.74 -0.03
C VAL D 109 -38.37 7.04 0.43
N GLU D 110 -39.48 6.91 1.15
CA GLU D 110 -40.21 8.10 1.60
C GLU D 110 -39.32 8.91 2.54
N PRO D 111 -38.92 8.33 3.68
CA PRO D 111 -38.20 9.16 4.68
C PRO D 111 -36.99 9.86 4.09
N LEU D 112 -36.41 9.29 3.03
CA LEU D 112 -35.28 9.88 2.34
C LEU D 112 -35.73 11.04 1.48
N ILE D 113 -36.79 10.82 0.71
CA ILE D 113 -37.36 11.90 -0.09
C ILE D 113 -37.68 13.10 0.84
N LYS D 114 -38.19 12.81 2.04
CA LYS D 114 -38.45 13.82 3.07
C LYS D 114 -37.16 14.57 3.48
N ALA D 115 -36.04 13.86 3.50
CA ALA D 115 -34.75 14.44 3.89
C ALA D 115 -34.14 15.33 2.82
N LEU D 116 -34.51 15.10 1.55
CA LEU D 116 -34.12 15.99 0.44
C LEU D 116 -34.53 17.42 0.71
N LYS D 117 -35.45 17.55 1.66
CA LYS D 117 -35.95 18.82 2.05
C LYS D 117 -35.35 19.25 3.40
N ASP D 118 -34.33 18.53 3.90
CA ASP D 118 -33.82 18.80 5.25
C ASP D 118 -33.14 20.16 5.27
N GLU D 119 -33.03 20.73 6.46
CA GLU D 119 -32.44 22.05 6.64
C GLU D 119 -30.96 22.08 6.30
N ASP D 120 -30.21 21.07 6.72
CA ASP D 120 -28.74 21.02 6.47
C ASP D 120 -28.40 20.49 5.04
N ARG D 121 -27.40 21.05 4.40
CA ARG D 121 -27.13 20.70 3.00
C ARG D 121 -26.57 19.34 2.83
N TYR D 122 -25.71 18.96 3.78
CA TYR D 122 -25.07 17.66 3.68
C TYR D 122 -26.13 16.61 3.81
N VAL D 123 -27.06 16.81 4.74
CA VAL D 123 -28.15 15.85 4.89
C VAL D 123 -29.03 15.77 3.64
N ARG D 124 -29.19 16.89 2.94
CA ARG D 124 -29.86 16.87 1.65
C ARG D 124 -29.02 16.13 0.60
N MET D 125 -27.72 16.39 0.58
CA MET D 125 -26.83 15.71 -0.31
C MET D 125 -26.77 14.19 -0.04
N ALA D 126 -26.65 13.80 1.23
CA ALA D 126 -26.60 12.39 1.60
C ALA D 126 -27.77 11.65 1.00
N ALA D 127 -28.96 12.12 1.31
CA ALA D 127 -30.18 11.49 0.79
C ALA D 127 -30.13 11.32 -0.72
N ALA D 128 -29.69 12.38 -1.39
CA ALA D 128 -29.67 12.36 -2.84
C ALA D 128 -28.96 11.12 -3.34
N TRP D 129 -27.74 10.91 -2.85
CA TRP D 129 -27.00 9.70 -3.19
C TRP D 129 -27.85 8.48 -2.86
N ALA D 130 -28.23 8.39 -1.57
CA ALA D 130 -28.90 7.21 -1.03
C ALA D 130 -30.03 6.76 -1.95
N LEU D 131 -30.86 7.72 -2.35
CA LEU D 131 -31.97 7.43 -3.26
C LEU D 131 -31.43 7.00 -4.60
N GLY D 132 -30.48 7.75 -5.13
CA GLY D 132 -29.85 7.37 -6.37
C GLY D 132 -29.38 5.93 -6.34
N LYS D 133 -28.91 5.50 -5.17
CA LYS D 133 -28.37 4.15 -5.00
C LYS D 133 -29.47 3.11 -5.05
N ILE D 134 -30.49 3.33 -4.24
CA ILE D 134 -31.62 2.41 -4.17
C ILE D 134 -32.29 2.21 -5.51
N GLY D 135 -32.69 3.31 -6.13
CA GLY D 135 -33.18 3.29 -7.50
C GLY D 135 -34.42 2.44 -7.76
N GLY D 136 -34.50 1.97 -9.01
CA GLY D 136 -35.65 1.20 -9.47
C GLY D 136 -36.88 2.05 -9.72
N GLU D 137 -38.04 1.40 -9.77
CA GLU D 137 -39.28 2.05 -10.18
C GLU D 137 -39.92 2.85 -9.04
N ARG D 138 -39.90 2.35 -7.81
CA ARG D 138 -40.53 3.08 -6.69
C ARG D 138 -39.79 4.36 -6.35
N VAL D 139 -38.53 4.40 -6.72
CA VAL D 139 -37.76 5.64 -6.68
C VAL D 139 -38.10 6.47 -7.92
N ARG D 140 -37.95 5.87 -9.10
CA ARG D 140 -38.31 6.54 -10.36
C ARG D 140 -39.72 7.14 -10.30
N ALA D 141 -40.63 6.46 -9.59
CA ALA D 141 -41.98 6.96 -9.38
C ALA D 141 -41.99 8.28 -8.60
N ALA D 142 -41.48 8.26 -7.38
CA ALA D 142 -41.49 9.44 -6.51
C ALA D 142 -40.67 10.57 -7.10
N MET D 143 -39.69 10.24 -7.92
CA MET D 143 -38.89 11.26 -8.60
C MET D 143 -39.71 12.01 -9.65
N GLU D 144 -40.44 11.27 -10.50
CA GLU D 144 -41.27 11.92 -11.52
C GLU D 144 -42.31 12.83 -10.88
N LYS D 145 -42.90 12.42 -9.77
CA LYS D 145 -43.85 13.29 -9.06
C LYS D 145 -43.14 14.52 -8.51
N LEU D 146 -41.91 14.35 -8.02
CA LEU D 146 -41.15 15.47 -7.43
C LEU D 146 -40.69 16.50 -8.47
N ALA D 147 -40.58 16.12 -9.75
CA ALA D 147 -40.26 17.08 -10.81
C ALA D 147 -41.31 18.20 -10.90
N GLU D 148 -42.52 17.94 -10.37
CA GLU D 148 -43.59 18.92 -10.30
C GLU D 148 -43.87 19.39 -8.86
N THR D 149 -44.24 18.48 -7.95
CA THR D 149 -44.51 18.87 -6.54
C THR D 149 -43.32 19.47 -5.78
N GLY D 150 -42.11 19.21 -6.29
CA GLY D 150 -40.90 19.68 -5.65
C GLY D 150 -40.50 21.07 -6.09
N THR D 151 -39.51 21.59 -5.39
CA THR D 151 -39.01 22.93 -5.59
C THR D 151 -37.62 23.04 -4.94
N GLY D 152 -36.71 23.73 -5.63
CA GLY D 152 -35.39 24.01 -5.09
C GLY D 152 -34.47 22.80 -5.15
N PHE D 153 -33.69 22.58 -4.08
CA PHE D 153 -32.69 21.53 -4.06
C PHE D 153 -33.33 20.22 -4.49
N ALA D 154 -34.38 19.85 -3.77
CA ALA D 154 -35.08 18.59 -4.03
C ALA D 154 -35.52 18.43 -5.49
N ARG D 155 -36.05 19.50 -6.08
CA ARG D 155 -36.55 19.45 -7.45
C ARG D 155 -35.38 19.17 -8.39
N LYS D 156 -34.25 19.81 -8.11
CA LYS D 156 -33.07 19.71 -8.96
C LYS D 156 -32.59 18.27 -9.03
N VAL D 157 -32.74 17.58 -7.90
CA VAL D 157 -32.37 16.17 -7.80
C VAL D 157 -33.26 15.28 -8.65
N ALA D 158 -34.57 15.48 -8.54
CA ALA D 158 -35.56 14.65 -9.22
C ALA D 158 -35.32 14.61 -10.74
N VAL D 159 -35.19 15.78 -11.32
CA VAL D 159 -34.94 15.87 -12.76
C VAL D 159 -33.63 15.16 -13.12
N ASN D 160 -32.60 15.30 -12.28
CA ASN D 160 -31.30 14.70 -12.57
C ASN D 160 -31.32 13.19 -12.59
N TYR D 161 -32.21 12.58 -11.82
CA TYR D 161 -32.35 11.13 -11.81
C TYR D 161 -33.07 10.66 -13.07
N LEU D 162 -34.08 11.43 -13.48
CA LEU D 162 -34.89 11.07 -14.62
C LEU D 162 -34.14 11.37 -15.88
N GLU D 163 -33.13 12.22 -15.77
CA GLU D 163 -32.13 12.40 -16.81
C GLU D 163 -31.33 11.10 -16.96
N THR D 164 -30.68 10.70 -15.88
CA THR D 164 -29.72 9.58 -15.87
C THR D 164 -30.42 8.24 -16.02
N HIS D 165 -31.17 7.87 -14.98
CA HIS D 165 -31.87 6.59 -14.93
C HIS D 165 -33.09 6.64 -15.83
N LYS D 166 -33.50 5.46 -16.32
CA LYS D 166 -34.64 5.34 -17.23
C LYS D 166 -35.96 5.35 -16.49
N HIS E 9 -18.40 -8.07 0.40
CA HIS E 9 -17.96 -7.71 1.79
C HIS E 9 -16.57 -7.06 1.78
N HIS E 10 -16.04 -6.67 2.95
CA HIS E 10 -14.82 -5.84 3.03
C HIS E 10 -13.61 -6.59 3.57
N THR E 11 -12.48 -6.37 2.91
CA THR E 11 -11.26 -7.11 3.15
C THR E 11 -10.11 -6.15 3.42
N ASP E 12 -9.39 -6.37 4.51
CA ASP E 12 -8.35 -5.43 4.96
C ASP E 12 -7.09 -5.39 4.06
N PRO E 13 -7.01 -4.45 3.10
CA PRO E 13 -5.98 -4.57 2.04
C PRO E 13 -4.55 -4.65 2.54
N GLU E 14 -4.30 -4.10 3.73
CA GLU E 14 -2.99 -4.19 4.34
C GLU E 14 -2.62 -5.68 4.52
N LYS E 15 -3.50 -6.44 5.15
CA LYS E 15 -3.24 -7.86 5.35
C LYS E 15 -3.25 -8.64 4.05
N VAL E 16 -4.13 -8.28 3.14
CA VAL E 16 -4.26 -9.03 1.91
C VAL E 16 -2.91 -9.01 1.22
N GLU E 17 -2.36 -7.82 1.01
CA GLU E 17 -1.04 -7.69 0.42
C GLU E 17 -0.07 -8.55 1.18
N MET E 18 0.17 -8.18 2.43
CA MET E 18 1.08 -8.93 3.28
C MET E 18 1.04 -10.44 3.02
N TYR E 19 -0.16 -11.02 3.09
CA TYR E 19 -0.27 -12.48 3.05
C TYR E 19 -0.02 -13.06 1.65
N ILE E 20 -0.45 -12.37 0.59
CA ILE E 20 -0.15 -12.80 -0.78
C ILE E 20 1.34 -12.74 -1.05
N LYS E 21 1.98 -11.68 -0.54
CA LYS E 21 3.43 -11.61 -0.58
C LYS E 21 4.00 -12.81 0.20
N ASN E 22 3.74 -12.86 1.51
CA ASN E 22 4.20 -13.95 2.40
C ASN E 22 4.07 -15.34 1.83
N LEU E 23 3.23 -15.46 0.82
CA LEU E 23 3.06 -16.71 0.11
C LEU E 23 4.35 -17.19 -0.59
N GLN E 24 5.30 -16.28 -0.83
CA GLN E 24 6.62 -16.61 -1.37
C GLN E 24 7.69 -16.31 -0.35
N ASP E 25 7.43 -16.67 0.89
CA ASP E 25 8.42 -16.51 1.94
C ASP E 25 9.29 -17.75 1.99
N ASP E 26 10.51 -17.54 2.48
CA ASP E 26 11.56 -18.55 2.58
C ASP E 26 11.10 -19.64 3.54
N SER E 27 10.55 -19.20 4.67
CA SER E 27 10.02 -20.11 5.69
C SER E 27 8.70 -20.71 5.23
N MET E 28 8.54 -22.03 5.37
CA MET E 28 7.30 -22.64 4.98
C MET E 28 6.19 -22.33 5.98
N ARG E 29 6.45 -22.37 7.28
CA ARG E 29 5.37 -22.07 8.23
C ARG E 29 4.78 -20.69 7.97
N VAL E 30 5.55 -19.79 7.39
CA VAL E 30 5.04 -18.47 7.02
C VAL E 30 4.05 -18.63 5.88
N ARG E 31 4.52 -19.14 4.77
CA ARG E 31 3.63 -19.30 3.64
C ARG E 31 2.45 -20.26 3.94
N TYR E 32 2.58 -21.16 4.92
CA TYR E 32 1.42 -21.98 5.36
C TYR E 32 0.36 -21.12 6.02
N ASN E 33 0.82 -20.25 6.92
CA ASN E 33 -0.07 -19.32 7.57
C ASN E 33 -0.73 -18.34 6.59
N ALA E 34 0.04 -17.84 5.64
CA ALA E 34 -0.51 -16.95 4.63
C ALA E 34 -1.65 -17.63 3.89
N ALA E 35 -1.60 -18.96 3.71
CA ALA E 35 -2.66 -19.66 3.01
C ALA E 35 -3.91 -19.62 3.84
N THR E 36 -3.80 -20.10 5.07
CA THR E 36 -4.96 -20.15 5.94
C THR E 36 -5.56 -18.75 5.99
N ALA E 37 -4.75 -17.73 6.26
CA ALA E 37 -5.21 -16.33 6.33
C ALA E 37 -6.02 -15.91 5.13
N LEU E 38 -5.45 -16.05 3.94
CA LEU E 38 -6.11 -15.60 2.71
C LEU E 38 -7.41 -16.36 2.40
N GLY E 39 -7.51 -17.60 2.88
CA GLY E 39 -8.77 -18.35 2.80
C GLY E 39 -9.88 -17.71 3.62
N LYS E 40 -9.57 -17.41 4.88
CA LYS E 40 -10.55 -16.82 5.78
C LYS E 40 -10.96 -15.45 5.23
N ILE E 41 -9.95 -14.65 4.88
CA ILE E 41 -10.16 -13.32 4.37
C ILE E 41 -11.10 -13.29 3.17
N GLY E 42 -10.94 -14.25 2.28
CA GLY E 42 -11.79 -14.37 1.11
C GLY E 42 -11.67 -13.21 0.12
N ASP E 43 -10.48 -12.92 -0.40
CA ASP E 43 -10.32 -11.86 -1.37
C ASP E 43 -9.96 -12.44 -2.70
N GLU E 44 -10.60 -11.92 -3.75
CA GLU E 44 -10.39 -12.37 -5.15
C GLU E 44 -8.93 -12.28 -5.58
N ARG E 45 -8.22 -11.30 -5.05
CA ARG E 45 -6.82 -11.12 -5.42
C ARG E 45 -5.92 -12.28 -5.02
N ALA E 46 -6.37 -13.10 -4.06
CA ALA E 46 -5.56 -14.18 -3.54
C ALA E 46 -5.75 -15.47 -4.34
N VAL E 47 -6.73 -15.50 -5.25
CA VAL E 47 -7.04 -16.74 -5.95
C VAL E 47 -5.90 -17.14 -6.87
N GLU E 48 -5.47 -16.20 -7.72
CA GLU E 48 -4.39 -16.51 -8.65
C GLU E 48 -3.17 -16.95 -7.88
N PRO E 49 -2.70 -16.13 -6.93
CA PRO E 49 -1.52 -16.55 -6.18
C PRO E 49 -1.64 -17.91 -5.52
N LEU E 50 -2.85 -18.28 -5.11
CA LEU E 50 -3.03 -19.54 -4.40
C LEU E 50 -3.01 -20.74 -5.35
N ILE E 51 -3.43 -20.57 -6.59
CA ILE E 51 -3.24 -21.66 -7.55
C ILE E 51 -1.72 -21.90 -7.80
N LYS E 52 -0.92 -20.83 -7.87
CA LYS E 52 0.54 -20.98 -8.01
C LYS E 52 1.19 -21.50 -6.72
N ALA E 53 0.52 -21.31 -5.59
CA ALA E 53 0.93 -21.96 -4.34
C ALA E 53 0.58 -23.44 -4.33
N LEU E 54 -0.38 -23.79 -5.18
CA LEU E 54 -0.82 -25.17 -5.35
C LEU E 54 0.33 -26.05 -5.90
N LYS E 55 1.32 -25.44 -6.54
CA LYS E 55 2.50 -26.13 -7.02
C LYS E 55 3.69 -25.86 -6.11
N ASP E 56 3.45 -25.56 -4.84
CA ASP E 56 4.55 -25.23 -3.93
C ASP E 56 5.48 -26.42 -3.69
N GLU E 57 6.78 -26.11 -3.56
CA GLU E 57 7.78 -27.15 -3.25
C GLU E 57 7.38 -27.96 -2.02
N ASP E 58 6.80 -27.31 -1.01
CA ASP E 58 6.36 -27.99 0.22
C ASP E 58 4.94 -28.51 0.08
N GLY E 59 4.69 -29.66 0.71
CA GLY E 59 3.41 -30.36 0.60
C GLY E 59 2.32 -29.80 1.49
N TYR E 60 2.70 -29.51 2.74
CA TYR E 60 1.77 -28.93 3.71
C TYR E 60 1.28 -27.57 3.23
N VAL E 61 2.14 -26.84 2.52
CA VAL E 61 1.78 -25.54 1.99
C VAL E 61 0.83 -25.70 0.82
N ARG E 62 1.13 -26.61 -0.09
CA ARG E 62 0.21 -26.96 -1.17
C ARG E 62 -1.16 -27.29 -0.60
N LEU E 63 -1.13 -28.01 0.51
CA LEU E 63 -2.31 -28.53 1.16
C LEU E 63 -3.29 -27.47 1.61
N GLU E 64 -2.80 -26.43 2.29
CA GLU E 64 -3.68 -25.37 2.79
C GLU E 64 -4.22 -24.58 1.64
N ALA E 65 -3.29 -24.05 0.85
CA ALA E 65 -3.60 -23.37 -0.38
C ALA E 65 -4.80 -24.01 -1.04
N ALA E 66 -4.93 -25.33 -0.94
CA ALA E 66 -6.07 -26.01 -1.51
C ALA E 66 -7.35 -25.63 -0.78
N GLU E 67 -7.38 -25.84 0.53
CA GLU E 67 -8.63 -25.62 1.28
C GLU E 67 -8.88 -24.14 1.26
N ALA E 68 -7.81 -23.37 1.32
CA ALA E 68 -7.92 -21.92 1.19
C ALA E 68 -8.73 -21.50 -0.04
N LEU E 69 -8.47 -22.12 -1.19
CA LEU E 69 -9.19 -21.85 -2.43
C LEU E 69 -10.61 -22.33 -2.41
N GLY E 70 -10.83 -23.38 -1.61
CA GLY E 70 -12.16 -23.87 -1.24
C GLY E 70 -12.97 -22.87 -0.42
N GLU E 71 -12.33 -22.26 0.58
CA GLU E 71 -13.00 -21.25 1.40
C GLU E 71 -13.38 -20.05 0.51
N ILE E 72 -12.45 -19.57 -0.29
CA ILE E 72 -12.72 -18.40 -1.09
C ILE E 72 -13.81 -18.73 -2.07
N GLY E 73 -13.93 -19.99 -2.46
CA GLY E 73 -15.07 -20.42 -3.27
C GLY E 73 -15.15 -19.85 -4.69
N ASP E 74 -14.05 -19.37 -5.23
CA ASP E 74 -14.08 -18.84 -6.59
C ASP E 74 -14.05 -19.98 -7.62
N GLU E 75 -14.94 -19.90 -8.60
CA GLU E 75 -15.02 -20.89 -9.69
C GLU E 75 -13.76 -20.98 -10.57
N ARG E 76 -12.90 -19.96 -10.52
CA ARG E 76 -11.63 -20.03 -11.23
C ARG E 76 -10.80 -21.24 -10.84
N ALA E 77 -10.72 -21.53 -9.55
CA ALA E 77 -9.82 -22.55 -9.05
C ALA E 77 -10.34 -23.98 -9.22
N VAL E 78 -11.50 -24.15 -9.85
CA VAL E 78 -12.10 -25.49 -9.96
C VAL E 78 -11.18 -26.40 -10.75
N GLU E 79 -10.77 -25.96 -11.92
CA GLU E 79 -9.90 -26.79 -12.73
C GLU E 79 -8.61 -27.09 -12.00
N PRO E 80 -7.86 -26.05 -11.59
CA PRO E 80 -6.60 -26.34 -10.88
C PRO E 80 -6.77 -27.30 -9.71
N LEU E 81 -7.91 -27.23 -9.03
CA LEU E 81 -8.18 -28.14 -7.93
C LEU E 81 -8.39 -29.55 -8.45
N ILE E 82 -9.13 -29.68 -9.55
CA ILE E 82 -9.32 -31.00 -10.15
C ILE E 82 -7.97 -31.64 -10.48
N LYS E 83 -7.03 -30.83 -10.96
CA LYS E 83 -5.69 -31.31 -11.24
C LYS E 83 -4.95 -31.63 -9.93
N ALA E 84 -5.24 -30.84 -8.90
CA ALA E 84 -4.61 -31.03 -7.60
C ALA E 84 -5.10 -32.28 -6.90
N LEU E 85 -6.26 -32.80 -7.31
CA LEU E 85 -6.71 -34.10 -6.85
C LEU E 85 -5.71 -35.22 -7.18
N LYS E 86 -4.94 -35.01 -8.25
CA LYS E 86 -3.97 -35.99 -8.71
C LYS E 86 -2.58 -35.84 -8.07
N ASP E 87 -2.47 -34.97 -7.07
CA ASP E 87 -1.21 -34.75 -6.38
C ASP E 87 -0.67 -36.04 -5.78
N GLU E 88 0.65 -36.12 -5.74
CA GLU E 88 1.36 -37.26 -5.17
C GLU E 88 0.89 -37.46 -3.75
N ASP E 89 1.09 -36.43 -2.93
CA ASP E 89 0.69 -36.46 -1.54
C ASP E 89 -0.83 -36.69 -1.44
N PRO E 90 -1.25 -37.63 -0.58
CA PRO E 90 -2.69 -37.91 -0.44
C PRO E 90 -3.41 -36.84 0.37
N ASP E 91 -2.75 -36.36 1.42
CA ASP E 91 -3.31 -35.35 2.29
C ASP E 91 -3.67 -34.10 1.49
N VAL E 92 -2.81 -33.75 0.53
CA VAL E 92 -3.05 -32.59 -0.29
C VAL E 92 -4.20 -32.91 -1.19
N ARG E 93 -4.24 -34.11 -1.73
CA ARG E 93 -5.33 -34.40 -2.64
C ARG E 93 -6.66 -34.59 -1.88
N SER E 94 -6.59 -34.86 -0.58
CA SER E 94 -7.82 -34.94 0.20
C SER E 94 -8.43 -33.55 0.36
N GLU E 95 -7.61 -32.59 0.80
CA GLU E 95 -8.10 -31.23 1.06
C GLU E 95 -8.54 -30.55 -0.24
N ALA E 96 -7.95 -30.98 -1.35
CA ALA E 96 -8.43 -30.56 -2.67
C ALA E 96 -9.85 -31.05 -2.96
N ALA E 97 -10.18 -32.27 -2.51
CA ALA E 97 -11.54 -32.80 -2.67
C ALA E 97 -12.51 -31.94 -1.91
N LEU E 98 -12.26 -31.84 -0.62
CA LEU E 98 -13.05 -31.03 0.28
C LEU E 98 -13.33 -29.66 -0.33
N ALA E 99 -12.26 -28.98 -0.71
CA ALA E 99 -12.34 -27.68 -1.38
C ALA E 99 -13.35 -27.67 -2.54
N LEU E 100 -13.29 -28.68 -3.39
CA LEU E 100 -14.18 -28.77 -4.57
C LEU E 100 -15.66 -28.97 -4.23
N GLY E 101 -15.92 -29.63 -3.11
CA GLY E 101 -17.29 -29.77 -2.60
C GLY E 101 -17.83 -28.47 -2.03
N LYS E 102 -16.92 -27.64 -1.52
CA LYS E 102 -17.28 -26.32 -1.04
C LYS E 102 -17.74 -25.44 -2.20
N ILE E 103 -16.89 -25.32 -3.22
CA ILE E 103 -17.21 -24.45 -4.37
C ILE E 103 -18.53 -24.84 -4.99
N GLY E 104 -18.84 -26.14 -4.95
CA GLY E 104 -20.11 -26.65 -5.43
C GLY E 104 -20.23 -26.74 -6.94
N ASP E 105 -19.12 -26.78 -7.67
CA ASP E 105 -19.19 -26.83 -9.15
C ASP E 105 -19.50 -28.23 -9.62
N GLU E 106 -20.35 -28.36 -10.65
CA GLU E 106 -20.72 -29.66 -11.20
C GLU E 106 -19.54 -30.33 -11.91
N ARG E 107 -18.65 -29.51 -12.45
CA ARG E 107 -17.45 -30.01 -13.13
C ARG E 107 -16.57 -30.93 -12.27
N ALA E 108 -16.72 -30.89 -10.96
CA ALA E 108 -15.92 -31.74 -10.10
C ALA E 108 -16.60 -33.06 -9.80
N VAL E 109 -17.83 -33.26 -10.28
CA VAL E 109 -18.61 -34.46 -9.91
C VAL E 109 -17.88 -35.74 -10.35
N GLU E 110 -17.42 -35.76 -11.58
CA GLU E 110 -16.72 -36.94 -12.05
C GLU E 110 -15.40 -37.14 -11.30
N PRO E 111 -14.47 -36.17 -11.38
CA PRO E 111 -13.17 -36.38 -10.72
C PRO E 111 -13.29 -36.79 -9.25
N LEU E 112 -14.38 -36.40 -8.60
CA LEU E 112 -14.63 -36.75 -7.21
C LEU E 112 -15.10 -38.19 -7.12
N ILE E 113 -16.02 -38.54 -7.99
CA ILE E 113 -16.47 -39.92 -8.04
C ILE E 113 -15.25 -40.82 -8.24
N LYS E 114 -14.31 -40.39 -9.09
CA LYS E 114 -13.04 -41.10 -9.31
C LYS E 114 -12.23 -41.26 -8.04
N ALA E 115 -12.30 -40.25 -7.17
CA ALA E 115 -11.54 -40.24 -5.92
C ALA E 115 -12.15 -41.15 -4.86
N LEU E 116 -13.46 -41.43 -4.97
CA LEU E 116 -14.11 -42.42 -4.11
C LEU E 116 -13.43 -43.77 -4.22
N LYS E 117 -12.66 -43.91 -5.28
CA LYS E 117 -11.91 -45.10 -5.52
C LYS E 117 -10.41 -44.89 -5.20
N ASP E 118 -10.04 -43.78 -4.54
CA ASP E 118 -8.63 -43.49 -4.30
C ASP E 118 -8.04 -44.49 -3.32
N GLU E 119 -6.73 -44.64 -3.39
CA GLU E 119 -6.04 -45.60 -2.54
C GLU E 119 -6.14 -45.25 -1.05
N ASP E 120 -5.97 -43.98 -0.70
CA ASP E 120 -5.98 -43.54 0.71
C ASP E 120 -7.43 -43.39 1.24
N ARG E 121 -7.67 -43.79 2.50
CA ARG E 121 -9.04 -43.76 3.02
C ARG E 121 -9.58 -42.37 3.24
N TYR E 122 -8.72 -41.47 3.73
CA TYR E 122 -9.15 -40.11 4.01
C TYR E 122 -9.55 -39.48 2.71
N VAL E 123 -8.78 -39.69 1.65
CA VAL E 123 -9.11 -39.13 0.36
C VAL E 123 -10.43 -39.69 -0.16
N ARG E 124 -10.72 -40.94 0.16
CA ARG E 124 -12.03 -41.51 -0.17
C ARG E 124 -13.14 -40.88 0.68
N MET E 125 -12.86 -40.69 1.96
CA MET E 125 -13.80 -40.03 2.87
C MET E 125 -14.07 -38.57 2.50
N ALA E 126 -13.00 -37.83 2.19
CA ALA E 126 -13.14 -36.45 1.76
C ALA E 126 -14.13 -36.34 0.64
N ALA E 127 -13.86 -37.04 -0.45
CA ALA E 127 -14.71 -36.98 -1.61
C ALA E 127 -16.15 -37.25 -1.21
N ALA E 128 -16.35 -38.25 -0.37
CA ALA E 128 -17.70 -38.66 0.00
C ALA E 128 -18.49 -37.46 0.48
N TRP E 129 -17.94 -36.74 1.44
CA TRP E 129 -18.53 -35.49 1.90
C TRP E 129 -18.76 -34.59 0.68
N ALA E 130 -17.67 -34.27 -0.02
CA ALA E 130 -17.67 -33.25 -1.07
C ALA E 130 -18.84 -33.45 -2.02
N LEU E 131 -19.00 -34.69 -2.47
CA LEU E 131 -20.11 -35.05 -3.32
C LEU E 131 -21.44 -34.85 -2.59
N GLY E 132 -21.53 -35.38 -1.37
CA GLY E 132 -22.73 -35.19 -0.56
C GLY E 132 -23.14 -33.73 -0.45
N LYS E 133 -22.13 -32.86 -0.39
CA LYS E 133 -22.36 -31.43 -0.31
C LYS E 133 -22.93 -30.90 -1.60
N ILE E 134 -22.25 -31.19 -2.72
CA ILE E 134 -22.65 -30.68 -4.03
C ILE E 134 -24.06 -31.08 -4.37
N GLY E 135 -24.32 -32.38 -4.31
CA GLY E 135 -25.66 -32.92 -4.47
C GLY E 135 -26.38 -32.61 -5.79
N GLY E 136 -27.72 -32.55 -5.68
CA GLY E 136 -28.58 -32.33 -6.83
C GLY E 136 -28.70 -33.56 -7.70
N GLU E 137 -29.15 -33.35 -8.94
CA GLU E 137 -29.50 -34.44 -9.84
C GLU E 137 -28.28 -35.06 -10.53
N ARG E 138 -27.32 -34.25 -10.96
CA ARG E 138 -26.14 -34.79 -11.64
C ARG E 138 -25.28 -35.66 -10.72
N VAL E 139 -25.41 -35.39 -9.41
CA VAL E 139 -24.81 -36.23 -8.40
C VAL E 139 -25.72 -37.43 -8.23
N ARG E 140 -27.00 -37.17 -7.94
CA ARG E 140 -27.97 -38.25 -7.78
C ARG E 140 -27.90 -39.24 -8.96
N ALA E 141 -27.63 -38.72 -10.16
CA ALA E 141 -27.48 -39.54 -11.36
C ALA E 141 -26.31 -40.53 -11.26
N ALA E 142 -25.10 -40.00 -11.07
CA ALA E 142 -23.90 -40.83 -11.00
C ALA E 142 -23.93 -41.75 -9.80
N MET E 143 -24.65 -41.36 -8.75
CA MET E 143 -24.82 -42.23 -7.58
C MET E 143 -25.66 -43.46 -7.90
N GLU E 144 -26.80 -43.27 -8.57
CA GLU E 144 -27.65 -44.41 -8.92
C GLU E 144 -26.91 -45.39 -9.79
N LYS E 145 -26.10 -44.87 -10.73
CA LYS E 145 -25.30 -45.73 -11.59
C LYS E 145 -24.26 -46.49 -10.75
N LEU E 146 -23.69 -45.81 -9.76
CA LEU E 146 -22.65 -46.43 -8.91
C LEU E 146 -23.19 -47.52 -7.95
N ALA E 147 -24.49 -47.49 -7.66
CA ALA E 147 -25.11 -48.54 -6.84
C ALA E 147 -24.98 -49.92 -7.53
N GLU E 148 -24.77 -49.91 -8.85
CA GLU E 148 -24.53 -51.14 -9.62
C GLU E 148 -23.06 -51.24 -10.13
N THR E 149 -22.59 -50.26 -10.91
CA THR E 149 -21.18 -50.29 -11.42
C THR E 149 -20.08 -50.22 -10.33
N GLY E 150 -20.44 -49.75 -9.14
CA GLY E 150 -19.49 -49.62 -8.05
C GLY E 150 -19.37 -50.88 -7.23
N THR E 151 -18.39 -50.85 -6.33
CA THR E 151 -18.05 -51.97 -5.48
C THR E 151 -17.20 -51.47 -4.30
N GLY E 152 -17.47 -51.99 -3.11
CA GLY E 152 -16.68 -51.67 -1.92
C GLY E 152 -17.00 -50.31 -1.34
N PHE E 153 -15.97 -49.58 -0.93
CA PHE E 153 -16.16 -48.29 -0.27
C PHE E 153 -17.11 -47.44 -1.12
N ALA E 154 -16.74 -47.22 -2.37
CA ALA E 154 -17.50 -46.37 -3.28
C ALA E 154 -18.98 -46.76 -3.38
N ARG E 155 -19.24 -48.06 -3.45
CA ARG E 155 -20.62 -48.58 -3.57
C ARG E 155 -21.42 -48.24 -2.32
N LYS E 156 -20.77 -48.39 -1.17
CA LYS E 156 -21.41 -48.17 0.11
C LYS E 156 -21.87 -46.71 0.21
N VAL E 157 -21.08 -45.81 -0.37
CA VAL E 157 -21.41 -44.38 -0.40
C VAL E 157 -22.66 -44.10 -1.24
N ALA E 158 -22.68 -44.66 -2.44
CA ALA E 158 -23.75 -44.40 -3.41
C ALA E 158 -25.12 -44.70 -2.84
N VAL E 159 -25.25 -45.89 -2.28
CA VAL E 159 -26.50 -46.31 -1.67
C VAL E 159 -26.88 -45.37 -0.52
N ASN E 160 -25.90 -44.95 0.28
CA ASN E 160 -26.18 -44.06 1.41
C ASN E 160 -26.69 -42.67 1.00
N TYR E 161 -26.31 -42.20 -0.18
CA TYR E 161 -26.83 -40.92 -0.68
C TYR E 161 -28.26 -41.07 -1.20
N LEU E 162 -28.53 -42.20 -1.85
CA LEU E 162 -29.84 -42.47 -2.42
C LEU E 162 -30.82 -42.85 -1.33
N GLU E 163 -30.28 -43.28 -0.20
CA GLU E 163 -31.05 -43.44 1.01
C GLU E 163 -31.54 -42.05 1.46
N THR E 164 -30.57 -41.18 1.70
CA THR E 164 -30.81 -39.86 2.29
C THR E 164 -31.48 -38.89 1.32
N HIS E 165 -30.74 -38.48 0.30
CA HIS E 165 -31.22 -37.51 -0.67
C HIS E 165 -32.21 -38.17 -1.63
N LYS E 166 -33.10 -37.35 -2.21
CA LYS E 166 -34.16 -37.80 -3.11
C LYS E 166 -33.58 -38.12 -4.48
N HIS F 9 47.90 37.45 -17.90
CA HIS F 9 48.39 36.03 -17.75
C HIS F 9 48.79 35.45 -19.11
N HIS F 10 49.24 34.20 -19.15
CA HIS F 10 49.80 33.64 -20.38
C HIS F 10 48.87 32.67 -21.06
N THR F 11 48.73 32.83 -22.38
CA THR F 11 47.83 31.99 -23.24
C THR F 11 48.58 31.42 -24.45
N ASP F 12 48.52 30.12 -24.65
CA ASP F 12 49.34 29.44 -25.66
C ASP F 12 48.94 29.69 -27.12
N PRO F 13 49.62 30.58 -27.84
CA PRO F 13 49.02 31.14 -29.05
C PRO F 13 48.80 30.13 -30.10
N GLU F 14 49.57 29.06 -30.03
CA GLU F 14 49.40 27.96 -30.95
C GLU F 14 47.95 27.45 -30.85
N LYS F 15 47.53 27.15 -29.63
CA LYS F 15 46.19 26.60 -29.43
C LYS F 15 45.12 27.65 -29.66
N VAL F 16 45.40 28.88 -29.29
CA VAL F 16 44.40 29.91 -29.40
C VAL F 16 44.01 30.01 -30.85
N GLU F 17 45.00 30.19 -31.73
CA GLU F 17 44.74 30.23 -33.17
C GLU F 17 43.94 29.00 -33.59
N MET F 18 44.56 27.85 -33.48
CA MET F 18 43.88 26.61 -33.79
C MET F 18 42.39 26.63 -33.43
N TYR F 19 42.08 26.92 -32.17
CA TYR F 19 40.72 26.74 -31.70
C TYR F 19 39.75 27.77 -32.24
N ILE F 20 40.20 29.02 -32.39
CA ILE F 20 39.35 30.07 -33.01
C ILE F 20 39.07 29.75 -34.47
N LYS F 21 40.09 29.26 -35.16
CA LYS F 21 39.88 28.74 -36.50
C LYS F 21 38.83 27.59 -36.40
N ASN F 22 39.18 26.51 -35.69
CA ASN F 22 38.33 25.32 -35.56
C ASN F 22 36.91 25.66 -35.26
N LEU F 23 36.68 26.88 -34.83
CA LEU F 23 35.33 27.34 -34.55
C LEU F 23 34.43 27.41 -35.78
N GLN F 24 35.04 27.40 -36.96
CA GLN F 24 34.30 27.26 -38.22
C GLN F 24 34.65 25.96 -38.92
N ASP F 25 34.72 24.88 -38.17
CA ASP F 25 35.01 23.58 -38.75
C ASP F 25 33.70 22.94 -39.17
N ASP F 26 33.82 22.04 -40.14
CA ASP F 26 32.71 21.33 -40.77
C ASP F 26 32.04 20.43 -39.73
N SER F 27 32.86 19.73 -38.98
CA SER F 27 32.40 18.86 -37.89
C SER F 27 31.97 19.68 -36.68
N MET F 28 30.81 19.35 -36.11
CA MET F 28 30.34 20.11 -34.97
C MET F 28 31.14 19.73 -33.74
N ARG F 29 31.43 18.45 -33.52
CA ARG F 29 32.18 18.09 -32.28
C ARG F 29 33.48 18.82 -32.23
N VAL F 30 34.00 19.20 -33.37
CA VAL F 30 35.22 19.98 -33.41
C VAL F 30 34.93 21.36 -32.89
N ARG F 31 34.05 22.07 -33.55
CA ARG F 31 33.74 23.42 -33.08
C ARG F 31 33.12 23.43 -31.68
N TYR F 32 32.50 22.34 -31.23
CA TYR F 32 32.10 22.24 -29.80
C TYR F 32 33.32 22.24 -28.86
N ASN F 33 34.31 21.40 -29.19
CA ASN F 33 35.51 21.36 -28.41
C ASN F 33 36.27 22.68 -28.44
N ALA F 34 36.31 23.33 -29.59
CA ALA F 34 36.96 24.62 -29.69
C ALA F 34 36.34 25.63 -28.73
N ALA F 35 35.06 25.51 -28.48
CA ALA F 35 34.43 26.43 -27.57
C ALA F 35 34.96 26.19 -26.18
N THR F 36 34.81 24.94 -25.72
CA THR F 36 35.18 24.63 -24.33
C THR F 36 36.60 25.09 -24.16
N ALA F 37 37.46 24.72 -25.09
CA ALA F 37 38.88 25.08 -25.04
C ALA F 37 39.13 26.55 -24.82
N LEU F 38 38.57 27.38 -25.70
CA LEU F 38 38.78 28.83 -25.67
C LEU F 38 38.19 29.48 -24.40
N GLY F 39 37.16 28.86 -23.82
CA GLY F 39 36.69 29.29 -22.52
C GLY F 39 37.74 29.11 -21.40
N LYS F 40 38.32 27.91 -21.33
CA LYS F 40 39.29 27.60 -20.29
C LYS F 40 40.52 28.51 -20.49
N ILE F 41 40.99 28.57 -21.72
CA ILE F 41 42.16 29.37 -22.08
C ILE F 41 42.01 30.83 -21.70
N GLY F 42 40.83 31.37 -21.90
CA GLY F 42 40.53 32.73 -21.49
C GLY F 42 41.38 33.71 -22.24
N ASP F 43 41.29 33.75 -23.56
CA ASP F 43 41.96 34.81 -24.33
C ASP F 43 40.94 35.77 -24.95
N GLU F 44 41.22 37.07 -24.86
CA GLU F 44 40.36 38.12 -25.43
C GLU F 44 40.10 37.95 -26.91
N ARG F 45 41.06 37.41 -27.64
CA ARG F 45 40.90 37.20 -29.07
C ARG F 45 39.74 36.26 -29.42
N ALA F 46 39.31 35.46 -28.47
CA ALA F 46 38.26 34.48 -28.71
C ALA F 46 36.86 35.02 -28.46
N VAL F 47 36.76 36.22 -27.89
CA VAL F 47 35.44 36.74 -27.52
C VAL F 47 34.58 37.05 -28.76
N GLU F 48 35.15 37.80 -29.70
CA GLU F 48 34.41 38.12 -30.89
C GLU F 48 34.00 36.84 -31.58
N PRO F 49 34.93 35.94 -31.85
CA PRO F 49 34.55 34.75 -32.60
C PRO F 49 33.46 33.94 -31.92
N LEU F 50 33.42 34.00 -30.60
CA LEU F 50 32.49 33.19 -29.84
C LEU F 50 31.12 33.80 -29.87
N ILE F 51 31.03 35.13 -29.96
CA ILE F 51 29.70 35.69 -30.16
C ILE F 51 29.13 35.27 -31.55
N LYS F 52 29.96 35.21 -32.58
CA LYS F 52 29.51 34.71 -33.89
C LYS F 52 29.23 33.19 -33.88
N ALA F 53 29.84 32.48 -32.95
CA ALA F 53 29.52 31.08 -32.70
C ALA F 53 28.20 30.95 -31.99
N LEU F 54 27.81 32.04 -31.33
CA LEU F 54 26.54 32.11 -30.61
C LEU F 54 25.32 31.99 -31.56
N LYS F 55 25.54 32.25 -32.85
CA LYS F 55 24.51 32.08 -33.85
C LYS F 55 24.75 30.82 -34.67
N ASP F 56 25.44 29.83 -34.10
CA ASP F 56 25.83 28.65 -34.86
C ASP F 56 24.61 27.82 -35.29
N GLU F 57 24.68 27.27 -36.51
CA GLU F 57 23.61 26.39 -37.01
C GLU F 57 23.28 25.29 -36.01
N ASP F 58 24.29 24.75 -35.32
CA ASP F 58 24.09 23.69 -34.32
C ASP F 58 23.85 24.25 -32.95
N GLY F 59 23.01 23.56 -32.19
CA GLY F 59 22.54 24.04 -30.88
C GLY F 59 23.49 23.80 -29.74
N TYR F 60 24.06 22.60 -29.73
CA TYR F 60 25.05 22.21 -28.75
C TYR F 60 26.28 23.11 -28.84
N VAL F 61 26.59 23.55 -30.05
CA VAL F 61 27.73 24.44 -30.28
C VAL F 61 27.47 25.85 -29.82
N ARG F 62 26.29 26.36 -30.14
CA ARG F 62 25.82 27.62 -29.57
C ARG F 62 25.92 27.59 -28.07
N LEU F 63 25.55 26.46 -27.54
CA LEU F 63 25.46 26.25 -26.10
C LEU F 63 26.78 26.46 -25.37
N GLU F 64 27.86 25.86 -25.88
CA GLU F 64 29.14 25.94 -25.19
C GLU F 64 29.64 27.33 -25.30
N ALA F 65 29.76 27.75 -26.55
CA ALA F 65 30.11 29.11 -26.87
C ALA F 65 29.54 30.07 -25.85
N ALA F 66 28.34 29.79 -25.35
CA ALA F 66 27.74 30.64 -24.34
C ALA F 66 28.52 30.57 -23.04
N GLU F 67 28.72 29.36 -22.49
CA GLU F 67 29.33 29.24 -21.18
C GLU F 67 30.76 29.65 -21.36
N ALA F 68 31.32 29.34 -22.53
CA ALA F 68 32.68 29.75 -22.86
C ALA F 68 32.89 31.22 -22.66
N LEU F 69 31.93 32.01 -23.14
CA LEU F 69 31.98 33.48 -22.99
C LEU F 69 31.77 33.93 -21.55
N GLY F 70 31.03 33.11 -20.80
CA GLY F 70 30.90 33.23 -19.35
C GLY F 70 32.21 33.03 -18.62
N GLU F 71 32.96 32.00 -19.03
CA GLU F 71 34.26 31.70 -18.42
C GLU F 71 35.20 32.86 -18.69
N ILE F 72 35.25 33.32 -19.93
CA ILE F 72 36.17 34.39 -20.29
C ILE F 72 35.79 35.67 -19.56
N GLY F 73 34.53 35.81 -19.21
CA GLY F 73 34.12 36.88 -18.33
C GLY F 73 34.29 38.29 -18.90
N ASP F 74 34.39 38.42 -20.23
CA ASP F 74 34.48 39.75 -20.85
C ASP F 74 33.09 40.44 -20.92
N GLU F 75 33.03 41.70 -20.50
CA GLU F 75 31.79 42.49 -20.54
C GLU F 75 31.27 42.77 -21.96
N ARG F 76 32.11 42.58 -22.98
CA ARG F 76 31.64 42.66 -24.36
C ARG F 76 30.45 41.74 -24.66
N ALA F 77 30.52 40.52 -24.18
CA ALA F 77 29.53 39.50 -24.54
C ALA F 77 28.24 39.57 -23.72
N VAL F 78 28.10 40.56 -22.86
CA VAL F 78 26.91 40.65 -22.03
C VAL F 78 25.69 40.79 -22.90
N GLU F 79 25.70 41.77 -23.79
CA GLU F 79 24.53 41.98 -24.63
C GLU F 79 24.21 40.75 -25.48
N PRO F 80 25.17 40.31 -26.32
CA PRO F 80 24.89 39.10 -27.08
C PRO F 80 24.33 37.95 -26.25
N LEU F 81 24.79 37.82 -25.00
CA LEU F 81 24.30 36.76 -24.12
C LEU F 81 22.85 37.03 -23.75
N ILE F 82 22.55 38.28 -23.46
CA ILE F 82 21.17 38.62 -23.13
C ILE F 82 20.24 38.27 -24.30
N LYS F 83 20.72 38.46 -25.52
CA LYS F 83 19.95 38.04 -26.70
C LYS F 83 19.88 36.52 -26.82
N ALA F 84 20.97 35.88 -26.42
CA ALA F 84 21.06 34.42 -26.45
C ALA F 84 20.15 33.76 -25.43
N LEU F 85 19.74 34.51 -24.41
CA LEU F 85 18.73 34.02 -23.48
C LEU F 85 17.43 33.68 -24.21
N LYS F 86 17.20 34.36 -25.33
CA LYS F 86 15.96 34.20 -26.10
C LYS F 86 16.03 33.10 -27.12
N ASP F 87 17.11 32.34 -27.10
CA ASP F 87 17.27 31.25 -28.04
C ASP F 87 16.12 30.24 -27.97
N GLU F 88 15.83 29.66 -29.14
CA GLU F 88 14.81 28.62 -29.27
C GLU F 88 15.09 27.51 -28.26
N ASP F 89 16.26 26.90 -28.41
CA ASP F 89 16.72 25.79 -27.57
C ASP F 89 16.81 26.26 -26.12
N PRO F 90 16.27 25.48 -25.18
CA PRO F 90 16.26 25.91 -23.78
C PRO F 90 17.61 25.70 -23.13
N ASP F 91 18.24 24.59 -23.49
CA ASP F 91 19.54 24.25 -22.95
C ASP F 91 20.53 25.37 -23.24
N VAL F 92 20.41 25.95 -24.43
CA VAL F 92 21.31 27.00 -24.82
C VAL F 92 20.97 28.22 -24.02
N ARG F 93 19.70 28.47 -23.85
CA ARG F 93 19.36 29.65 -23.12
C ARG F 93 19.62 29.48 -21.62
N SER F 94 19.72 28.23 -21.15
CA SER F 94 20.10 28.04 -19.75
C SER F 94 21.58 28.43 -19.53
N GLU F 95 22.47 27.89 -20.36
CA GLU F 95 23.89 28.12 -20.19
C GLU F 95 24.22 29.57 -20.43
N ALA F 96 23.39 30.25 -21.22
CA ALA F 96 23.49 31.69 -21.39
C ALA F 96 23.19 32.43 -20.09
N ALA F 97 22.22 31.93 -19.33
CA ALA F 97 21.94 32.52 -18.03
C ALA F 97 23.16 32.40 -17.15
N LEU F 98 23.59 31.16 -16.96
CA LEU F 98 24.73 30.84 -16.11
C LEU F 98 25.92 31.73 -16.42
N ALA F 99 26.26 31.75 -17.69
CA ALA F 99 27.30 32.66 -18.17
C ALA F 99 27.15 34.11 -17.66
N LEU F 100 25.94 34.67 -17.74
CA LEU F 100 25.69 36.08 -17.37
C LEU F 100 25.84 36.33 -15.89
N GLY F 101 25.59 35.31 -15.09
CA GLY F 101 25.81 35.40 -13.64
C GLY F 101 27.30 35.40 -13.33
N LYS F 102 28.07 34.72 -14.18
CA LYS F 102 29.49 34.66 -14.00
C LYS F 102 30.03 36.06 -14.21
N ILE F 103 29.72 36.65 -15.37
CA ILE F 103 30.30 37.96 -15.74
C ILE F 103 29.95 39.02 -14.70
N GLY F 104 28.79 38.86 -14.07
CA GLY F 104 28.39 39.69 -12.94
C GLY F 104 27.88 41.06 -13.32
N ASP F 105 27.48 41.26 -14.58
CA ASP F 105 27.02 42.57 -15.02
C ASP F 105 25.61 42.83 -14.53
N GLU F 106 25.33 44.06 -14.08
CA GLU F 106 23.99 44.44 -13.60
C GLU F 106 22.99 44.43 -14.74
N ARG F 107 23.47 44.71 -15.95
CA ARG F 107 22.62 44.76 -17.14
C ARG F 107 21.84 43.48 -17.40
N ALA F 108 22.26 42.39 -16.78
CA ALA F 108 21.57 41.12 -16.98
C ALA F 108 20.53 40.86 -15.92
N VAL F 109 20.43 41.75 -14.92
CA VAL F 109 19.52 41.50 -13.79
C VAL F 109 18.07 41.33 -14.28
N GLU F 110 17.61 42.23 -15.14
CA GLU F 110 16.25 42.13 -15.61
C GLU F 110 16.08 40.89 -16.44
N PRO F 111 16.83 40.77 -17.54
CA PRO F 111 16.55 39.62 -18.44
C PRO F 111 16.60 38.29 -17.72
N LEU F 112 17.33 38.24 -16.60
CA LEU F 112 17.44 37.04 -15.78
C LEU F 112 16.19 36.84 -14.96
N ILE F 113 15.76 37.92 -14.35
CA ILE F 113 14.52 37.89 -13.61
C ILE F 113 13.41 37.40 -14.57
N LYS F 114 13.43 37.85 -15.81
CA LYS F 114 12.49 37.40 -16.84
C LYS F 114 12.56 35.89 -17.09
N ALA F 115 13.76 35.35 -16.97
CA ALA F 115 14.01 33.93 -17.18
C ALA F 115 13.57 33.05 -16.01
N LEU F 116 13.50 33.63 -14.82
CA LEU F 116 12.87 32.95 -13.67
C LEU F 116 11.44 32.49 -13.96
N LYS F 117 10.88 33.10 -14.99
CA LYS F 117 9.57 32.77 -15.44
C LYS F 117 9.61 31.89 -16.70
N ASP F 118 10.78 31.37 -17.07
CA ASP F 118 10.89 30.63 -18.34
C ASP F 118 10.10 29.33 -18.25
N GLU F 119 9.72 28.81 -19.41
CA GLU F 119 8.94 27.58 -19.47
C GLU F 119 9.73 26.38 -18.95
N ASP F 120 11.00 26.25 -19.31
CA ASP F 120 11.83 25.10 -18.90
C ASP F 120 12.40 25.26 -17.45
N ARG F 121 12.44 24.17 -16.68
CA ARG F 121 12.82 24.22 -15.25
C ARG F 121 14.25 24.58 -15.10
N TYR F 122 15.08 24.01 -15.97
CA TYR F 122 16.51 24.19 -15.83
C TYR F 122 16.81 25.64 -16.07
N VAL F 123 16.17 26.20 -17.08
CA VAL F 123 16.41 27.62 -17.40
C VAL F 123 15.97 28.49 -16.24
N ARG F 124 14.94 28.08 -15.55
CA ARG F 124 14.53 28.79 -14.35
C ARG F 124 15.56 28.61 -13.23
N MET F 125 16.04 27.38 -13.08
CA MET F 125 17.06 27.09 -12.08
C MET F 125 18.38 27.81 -12.37
N ALA F 126 18.81 27.80 -13.63
CA ALA F 126 20.03 28.52 -14.03
C ALA F 126 19.98 29.96 -13.55
N ALA F 127 18.95 30.66 -13.98
CA ALA F 127 18.81 32.05 -13.65
C ALA F 127 18.90 32.24 -12.16
N ALA F 128 18.21 31.40 -11.42
CA ALA F 128 18.17 31.55 -9.97
C ALA F 128 19.59 31.67 -9.41
N TRP F 129 20.45 30.72 -9.74
CA TRP F 129 21.85 30.81 -9.36
C TRP F 129 22.40 32.15 -9.84
N ALA F 130 22.33 32.37 -11.15
CA ALA F 130 23.01 33.51 -11.78
C ALA F 130 22.73 34.78 -11.01
N LEU F 131 21.46 34.99 -10.70
CA LEU F 131 21.07 36.16 -9.94
C LEU F 131 21.68 36.07 -8.57
N GLY F 132 21.54 34.92 -7.92
CA GLY F 132 22.13 34.73 -6.59
C GLY F 132 23.61 35.08 -6.57
N LYS F 133 24.29 34.81 -7.69
CA LYS F 133 25.70 35.11 -7.85
C LYS F 133 25.96 36.60 -7.98
N ILE F 134 25.25 37.25 -8.89
CA ILE F 134 25.40 38.69 -9.11
C ILE F 134 25.13 39.48 -7.84
N GLY F 135 23.96 39.27 -7.24
CA GLY F 135 23.63 39.83 -5.93
C GLY F 135 23.67 41.34 -5.80
N GLY F 136 23.95 41.78 -4.57
CA GLY F 136 23.97 43.20 -4.24
C GLY F 136 22.58 43.79 -4.15
N GLU F 137 22.51 45.10 -4.24
CA GLU F 137 21.28 45.83 -3.98
C GLU F 137 20.33 45.82 -5.17
N ARG F 138 20.82 45.95 -6.40
CA ARG F 138 19.92 45.99 -7.58
C ARG F 138 19.24 44.67 -7.81
N VAL F 139 19.87 43.62 -7.30
CA VAL F 139 19.25 42.33 -7.22
C VAL F 139 18.31 42.31 -6.02
N ARG F 140 18.83 42.63 -4.85
CA ARG F 140 18.00 42.69 -3.64
C ARG F 140 16.74 43.52 -3.87
N ALA F 141 16.85 44.57 -4.68
CA ALA F 141 15.72 45.42 -5.04
C ALA F 141 14.63 44.66 -5.79
N ALA F 142 14.98 44.13 -6.96
CA ALA F 142 14.02 43.41 -7.78
C ALA F 142 13.48 42.16 -7.06
N MET F 143 14.25 41.61 -6.14
CA MET F 143 13.79 40.47 -5.37
C MET F 143 12.66 40.85 -4.41
N GLU F 144 12.84 41.95 -3.68
CA GLU F 144 11.80 42.41 -2.77
C GLU F 144 10.52 42.70 -3.50
N LYS F 145 10.61 43.29 -4.69
CA LYS F 145 9.40 43.54 -5.48
C LYS F 145 8.76 42.23 -5.94
N LEU F 146 9.59 41.24 -6.28
CA LEU F 146 9.07 39.95 -6.74
C LEU F 146 8.38 39.12 -5.62
N ALA F 147 8.71 39.37 -4.35
CA ALA F 147 8.04 38.69 -3.25
C ALA F 147 6.54 38.99 -3.28
N GLU F 148 6.13 40.07 -3.94
CA GLU F 148 4.72 40.43 -4.12
C GLU F 148 4.25 40.25 -5.58
N THR F 149 4.86 40.95 -6.54
CA THR F 149 4.47 40.81 -7.99
C THR F 149 4.67 39.39 -8.59
N GLY F 150 5.51 38.58 -7.96
CA GLY F 150 5.78 37.23 -8.42
C GLY F 150 4.81 36.18 -7.90
N THR F 151 4.95 34.99 -8.44
CA THR F 151 4.07 33.87 -8.16
C THR F 151 4.75 32.58 -8.63
N GLY F 152 4.64 31.53 -7.82
CA GLY F 152 5.14 30.21 -8.19
C GLY F 152 6.64 30.11 -8.04
N PHE F 153 7.30 29.44 -9.00
CA PHE F 153 8.73 29.20 -8.92
C PHE F 153 9.45 30.52 -8.59
N ALA F 154 9.24 31.52 -9.45
CA ALA F 154 9.91 32.79 -9.31
C ALA F 154 9.75 33.41 -7.91
N ARG F 155 8.54 33.33 -7.37
CA ARG F 155 8.24 33.92 -6.08
C ARG F 155 9.06 33.22 -5.01
N LYS F 156 9.13 31.90 -5.14
CA LYS F 156 9.79 31.08 -4.15
C LYS F 156 11.24 31.49 -4.06
N VAL F 157 11.80 31.86 -5.21
CA VAL F 157 13.18 32.28 -5.29
C VAL F 157 13.40 33.60 -4.53
N ALA F 158 12.53 34.56 -4.80
CA ALA F 158 12.69 35.90 -4.28
C ALA F 158 12.78 35.89 -2.77
N VAL F 159 11.82 35.22 -2.14
CA VAL F 159 11.81 35.13 -0.70
C VAL F 159 13.09 34.45 -0.17
N ASN F 160 13.56 33.42 -0.86
CA ASN F 160 14.76 32.70 -0.41
C ASN F 160 16.02 33.53 -0.43
N TYR F 161 16.09 34.51 -1.33
CA TYR F 161 17.25 35.41 -1.38
C TYR F 161 17.18 36.42 -0.24
N LEU F 162 15.96 36.89 0.06
CA LEU F 162 15.76 37.90 1.08
C LEU F 162 15.83 37.26 2.43
N GLU F 163 15.67 35.95 2.47
CA GLU F 163 15.98 35.15 3.65
C GLU F 163 17.48 35.20 3.90
N THR F 164 18.24 34.76 2.90
CA THR F 164 19.67 34.60 3.00
C THR F 164 20.40 35.95 3.03
N HIS F 165 20.41 36.62 1.88
CA HIS F 165 21.14 37.88 1.70
C HIS F 165 20.37 39.00 2.39
N LYS F 166 21.09 40.04 2.80
CA LYS F 166 20.47 41.07 3.61
C LYS F 166 19.79 42.11 2.75
#